data_8CJ7
#
_entry.id   8CJ7
#
_cell.length_a   95.977
_cell.length_b   84.062
_cell.length_c   96.132
_cell.angle_alpha   90.00
_cell.angle_beta   110.25
_cell.angle_gamma   90.00
#
_symmetry.space_group_name_H-M   'P 1 21 1'
#
loop_
_entity.id
_entity.type
_entity.pdbx_description
1 polymer 'Histone deacetylase 6'
2 non-polymer 'POTASSIUM ION'
3 non-polymer 'ZINC ION'
4 non-polymer 6-[(5-pyridin-2-yl-1,2$l^{4},3,4-tetrazacyclopenta-1,3-dien-2-yl)methyl]pyridine-3-carbohydrazide
5 non-polymer 'IODIDE ION'
6 water water
#
_entity_poly.entity_id   1
_entity_poly.type   'polypeptide(L)'
_entity_poly.pdbx_seq_one_letter_code
;SNAGGSSPITGLVYDQRMMLHHNMWDSHHPELPQRISRIFSRHEELRLLSRCHRIPARLATEEELALCHSSKHISIIKSS
EHMKPRDLNRLGDEYNSIFISNESYTCALLAAGSCFNSAQAILTGQVRNAVAIVRPPGHHAEKDTACGFCFFNTAALTAR
YAQSITRESLRVLIVDWDVHHGNGTQHIFEEDDSVLYISLHRYEDGAFFPNSEDANYDKVGLGKGRGYNVNIPWNGGKMG
DPEYMAAFHHLVMPIAREFAPELVLVSAGFDAARGDPLGGFQVTPEGYAHLTHQLMSLAAGRVLIILEGGYNLTSISESM
SMCTSMLLGDSPPSLDHLTPLKTSATVSINNVLRAHAPFWSSLR
;
_entity_poly.pdbx_strand_id   A,B,C
#
loop_
_chem_comp.id
_chem_comp.type
_chem_comp.name
_chem_comp.formula
IOD non-polymer 'IODIDE ION' 'I -1'
K non-polymer 'POTASSIUM ION' 'K 1'
UTO non-polymer 6-[(5-pyridin-2-yl-1,2$l^{4},3,4-tetrazacyclopenta-1,3-dien-2-yl)methyl]pyridine-3-carbohydrazide 'C13 H12 N8 O'
ZN non-polymer 'ZINC ION' 'Zn 2'
#
# COMPACT_ATOMS: atom_id res chain seq x y z
N SER A 7 19.42 2.28 36.75
CA SER A 7 18.66 3.29 37.47
C SER A 7 19.36 4.68 37.42
N PRO A 8 20.15 5.24 38.41
CA PRO A 8 20.80 6.55 38.15
C PRO A 8 22.16 6.29 37.47
N ILE A 9 22.11 5.52 36.39
CA ILE A 9 23.25 4.97 35.68
C ILE A 9 23.28 5.43 34.19
N THR A 10 24.48 5.53 33.61
CA THR A 10 24.64 5.90 32.20
C THR A 10 25.13 4.68 31.42
N GLY A 11 24.46 4.40 30.32
CA GLY A 11 24.86 3.33 29.42
C GLY A 11 25.83 3.82 28.35
N LEU A 12 26.67 2.92 27.87
CA LEU A 12 27.59 3.20 26.77
C LEU A 12 27.67 2.01 25.84
N VAL A 13 27.53 2.25 24.54
CA VAL A 13 27.70 1.20 23.55
C VAL A 13 28.82 1.60 22.58
N TYR A 14 29.75 0.67 22.34
CA TYR A 14 30.86 0.82 21.39
C TYR A 14 31.27 -0.57 20.96
N ASP A 15 31.45 -0.76 19.66
CA ASP A 15 31.92 -2.05 19.14
C ASP A 15 32.87 -1.77 18.01
N GLN A 16 34.12 -2.24 18.14
CA GLN A 16 35.18 -2.02 17.13
C GLN A 16 34.84 -2.61 15.75
N ARG A 17 33.87 -3.56 15.67
CA ARG A 17 33.46 -4.13 14.36
C ARG A 17 32.88 -3.06 13.44
N MET A 18 32.35 -1.95 14.01
CA MET A 18 31.83 -0.84 13.20
C MET A 18 32.93 -0.04 12.48
N MET A 19 34.21 -0.35 12.77
CA MET A 19 35.35 0.26 12.08
C MET A 19 35.59 -0.40 10.71
N LEU A 20 35.01 -1.60 10.47
CA LEU A 20 35.24 -2.35 9.22
C LEU A 20 34.72 -1.63 7.94
N HIS A 21 33.66 -0.81 8.06
CA HIS A 21 33.13 -0.01 6.95
C HIS A 21 34.22 1.01 6.55
N HIS A 22 34.69 0.96 5.30
CA HIS A 22 35.77 1.83 4.87
C HIS A 22 35.63 2.24 3.40
N ASN A 23 36.41 3.25 3.00
CA ASN A 23 36.46 3.74 1.64
C ASN A 23 37.71 3.16 0.99
N MET A 24 37.51 2.12 0.16
CA MET A 24 38.61 1.42 -0.51
C MET A 24 39.32 2.24 -1.59
N TRP A 25 38.68 3.31 -2.09
CA TRP A 25 39.26 4.17 -3.14
C TRP A 25 39.94 5.40 -2.56
N ASP A 26 39.46 5.86 -1.38
CA ASP A 26 40.03 7.06 -0.75
C ASP A 26 40.16 6.84 0.76
N SER A 27 41.30 6.28 1.19
CA SER A 27 41.58 5.96 2.60
C SER A 27 41.60 7.20 3.54
N HIS A 28 41.63 8.41 2.98
CA HIS A 28 41.62 9.67 3.70
C HIS A 28 40.21 10.29 3.74
N HIS A 29 39.16 9.59 3.21
CA HIS A 29 37.78 10.11 3.27
C HIS A 29 37.51 10.48 4.73
N PRO A 30 36.93 11.67 5.03
CA PRO A 30 36.78 12.09 6.46
C PRO A 30 35.94 11.17 7.36
N GLU A 31 34.98 10.39 6.80
CA GLU A 31 34.18 9.46 7.61
C GLU A 31 35.00 8.19 7.86
N LEU A 32 36.02 8.35 8.71
CA LEU A 32 37.06 7.37 9.03
C LEU A 32 36.65 6.31 10.03
N PRO A 33 37.16 5.07 9.86
CA PRO A 33 36.96 4.03 10.90
C PRO A 33 37.42 4.49 12.29
N GLN A 34 38.55 5.24 12.38
CA GLN A 34 39.12 5.70 13.65
C GLN A 34 38.31 6.82 14.34
N ARG A 35 37.23 7.34 13.72
CA ARG A 35 36.36 8.32 14.38
C ARG A 35 35.82 7.71 15.70
N ILE A 36 35.32 6.46 15.65
CA ILE A 36 34.73 5.80 16.83
C ILE A 36 35.79 5.28 17.80
N SER A 37 36.93 4.74 17.30
CA SER A 37 38.01 4.24 18.20
C SER A 37 38.69 5.37 18.96
N ARG A 38 38.82 6.56 18.32
CA ARG A 38 39.39 7.72 19.01
C ARG A 38 38.43 8.23 20.09
N ILE A 39 37.11 8.30 19.80
CA ILE A 39 36.13 8.73 20.81
C ILE A 39 36.16 7.75 22.01
N PHE A 40 36.16 6.44 21.73
CA PHE A 40 36.19 5.40 22.77
C PHE A 40 37.49 5.52 23.61
N SER A 41 38.65 5.71 22.94
CA SER A 41 39.94 5.88 23.62
C SER A 41 39.87 7.11 24.56
N ARG A 42 39.23 8.22 24.11
CA ARG A 42 39.11 9.44 24.95
C ARG A 42 38.29 9.17 26.22
N HIS A 43 37.25 8.30 26.13
CA HIS A 43 36.43 7.89 27.28
C HIS A 43 37.30 7.13 28.30
N GLU A 44 38.25 6.30 27.83
CA GLU A 44 39.18 5.56 28.69
C GLU A 44 40.19 6.54 29.35
N GLU A 45 40.77 7.46 28.55
CA GLU A 45 41.72 8.44 29.08
C GLU A 45 41.13 9.30 30.19
N LEU A 46 39.86 9.72 30.03
CA LEU A 46 39.14 10.57 30.99
C LEU A 46 38.49 9.78 32.12
N ARG A 47 38.67 8.45 32.12
CA ARG A 47 38.14 7.49 33.11
C ARG A 47 36.61 7.50 33.19
N LEU A 48 35.98 7.75 32.02
CA LEU A 48 34.52 7.80 31.88
C LEU A 48 33.94 6.43 31.61
N LEU A 49 34.67 5.58 30.85
CA LEU A 49 34.21 4.25 30.47
C LEU A 49 33.80 3.39 31.65
N SER A 50 34.69 3.27 32.66
CA SER A 50 34.45 2.44 33.86
C SER A 50 33.25 2.94 34.72
N ARG A 51 32.83 4.20 34.52
CA ARG A 51 31.71 4.81 35.23
C ARG A 51 30.37 4.48 34.54
N CYS A 52 30.43 3.95 33.30
CA CYS A 52 29.26 3.59 32.51
C CYS A 52 28.90 2.12 32.61
N HIS A 53 27.63 1.80 32.34
CA HIS A 53 27.18 0.42 32.22
C HIS A 53 27.38 0.10 30.72
N ARG A 54 28.19 -0.90 30.40
CA ARG A 54 28.49 -1.27 29.02
C ARG A 54 27.31 -2.02 28.38
N ILE A 55 26.71 -1.41 27.34
CA ILE A 55 25.56 -1.99 26.62
C ILE A 55 26.11 -2.69 25.38
N PRO A 56 25.78 -3.98 25.15
CA PRO A 56 26.33 -4.66 23.96
C PRO A 56 25.72 -4.17 22.66
N ALA A 57 26.54 -4.20 21.60
CA ALA A 57 26.07 -3.91 20.26
C ALA A 57 25.35 -5.20 19.79
N ARG A 58 24.42 -5.04 18.86
CA ARG A 58 23.75 -6.15 18.20
C ARG A 58 23.39 -5.71 16.79
N LEU A 59 23.07 -6.66 15.93
CA LEU A 59 22.61 -6.33 14.61
C LEU A 59 21.13 -5.98 14.70
N ALA A 60 20.72 -4.96 13.97
CA ALA A 60 19.31 -4.64 13.75
C ALA A 60 18.86 -5.76 12.84
N THR A 61 17.58 -6.14 12.90
CA THR A 61 17.04 -7.16 11.98
C THR A 61 16.41 -6.43 10.80
N GLU A 62 16.13 -7.14 9.68
CA GLU A 62 15.49 -6.55 8.52
C GLU A 62 14.08 -6.05 8.80
N GLU A 63 13.35 -6.76 9.68
CA GLU A 63 12.02 -6.34 10.16
C GLU A 63 12.19 -4.99 10.91
N GLU A 64 13.27 -4.83 11.72
CA GLU A 64 13.50 -3.54 12.39
C GLU A 64 13.83 -2.40 11.40
N LEU A 65 14.57 -2.67 10.34
CA LEU A 65 14.84 -1.66 9.34
C LEU A 65 13.55 -1.22 8.63
N ALA A 66 12.60 -2.16 8.47
CA ALA A 66 11.30 -1.94 7.83
C ALA A 66 10.40 -0.97 8.60
N LEU A 67 10.80 -0.59 9.84
CA LEU A 67 10.09 0.43 10.63
C LEU A 67 10.13 1.78 9.91
N CYS A 68 11.24 2.07 9.18
CA CYS A 68 11.43 3.33 8.46
C CYS A 68 11.76 3.17 6.99
N HIS A 69 12.33 2.02 6.57
CA HIS A 69 12.85 1.89 5.19
C HIS A 69 12.06 0.91 4.32
N SER A 70 12.03 1.15 3.01
CA SER A 70 11.33 0.28 2.06
C SER A 70 12.06 -1.07 1.94
N SER A 71 11.35 -2.13 1.53
CA SER A 71 11.95 -3.45 1.34
C SER A 71 13.04 -3.39 0.23
N LYS A 72 12.82 -2.53 -0.80
CA LYS A 72 13.77 -2.34 -1.91
C LYS A 72 15.08 -1.77 -1.40
N HIS A 73 15.01 -0.73 -0.57
CA HIS A 73 16.22 -0.11 -0.06
C HIS A 73 17.01 -1.12 0.79
N ILE A 74 16.30 -1.82 1.70
CA ILE A 74 16.94 -2.81 2.56
C ILE A 74 17.65 -3.89 1.72
N SER A 75 16.97 -4.45 0.70
CA SER A 75 17.52 -5.49 -0.16
CA SER A 75 17.52 -5.49 -0.16
C SER A 75 18.78 -5.02 -0.90
N ILE A 76 18.76 -3.79 -1.47
CA ILE A 76 19.88 -3.23 -2.22
C ILE A 76 21.12 -3.08 -1.33
N ILE A 77 20.96 -2.45 -0.16
CA ILE A 77 22.08 -2.29 0.75
C ILE A 77 22.59 -3.64 1.23
N LYS A 78 21.66 -4.56 1.59
CA LYS A 78 22.02 -5.89 2.02
C LYS A 78 22.84 -6.61 0.93
N SER A 79 22.45 -6.46 -0.36
CA SER A 79 23.18 -7.11 -1.47
C SER A 79 24.63 -6.64 -1.64
N SER A 80 24.99 -5.45 -1.08
CA SER A 80 26.34 -4.89 -1.24
C SER A 80 27.40 -5.74 -0.52
N GLU A 81 26.97 -6.56 0.47
CA GLU A 81 27.92 -7.39 1.20
C GLU A 81 28.65 -8.37 0.31
N HIS A 82 28.01 -8.76 -0.81
CA HIS A 82 28.52 -9.77 -1.75
C HIS A 82 29.03 -9.22 -3.08
N MET A 83 29.16 -7.88 -3.20
CA MET A 83 29.59 -7.21 -4.41
C MET A 83 31.10 -7.09 -4.56
N LYS A 84 31.57 -7.17 -5.81
CA LYS A 84 32.99 -6.99 -6.13
C LYS A 84 33.28 -5.46 -6.09
N PRO A 85 34.54 -4.99 -5.93
CA PRO A 85 34.78 -3.53 -5.88
C PRO A 85 34.11 -2.69 -6.98
N ARG A 86 34.13 -3.11 -8.27
CA ARG A 86 33.54 -2.30 -9.36
C ARG A 86 32.01 -2.12 -9.19
N ASP A 87 31.29 -3.12 -8.65
CA ASP A 87 29.84 -3.02 -8.41
C ASP A 87 29.52 -2.17 -7.19
N LEU A 88 30.37 -2.21 -6.13
CA LEU A 88 30.24 -1.29 -4.97
C LEU A 88 30.45 0.17 -5.46
N ASN A 89 31.41 0.40 -6.39
CA ASN A 89 31.65 1.74 -6.94
C ASN A 89 30.37 2.20 -7.69
N ARG A 90 29.80 1.32 -8.53
CA ARG A 90 28.56 1.61 -9.27
C ARG A 90 27.39 1.87 -8.32
N LEU A 91 27.26 1.06 -7.26
CA LEU A 91 26.17 1.20 -6.31
C LEU A 91 26.25 2.52 -5.54
N GLY A 92 27.42 2.82 -4.99
CA GLY A 92 27.66 4.06 -4.25
C GLY A 92 27.35 5.29 -5.08
N ASP A 93 27.63 5.23 -6.40
CA ASP A 93 27.39 6.31 -7.37
C ASP A 93 25.90 6.58 -7.64
N GLU A 94 25.04 5.64 -7.29
CA GLU A 94 23.59 5.83 -7.42
C GLU A 94 23.07 6.82 -6.38
N TYR A 95 23.87 7.07 -5.31
CA TYR A 95 23.47 7.96 -4.22
C TYR A 95 24.29 9.24 -4.17
N ASN A 96 23.77 10.21 -3.39
CA ASN A 96 24.48 11.45 -3.16
C ASN A 96 25.44 11.22 -1.99
N SER A 97 26.77 11.28 -2.27
CA SER A 97 27.86 11.19 -1.28
C SER A 97 27.84 9.90 -0.44
N ILE A 98 28.01 8.77 -1.11
CA ILE A 98 28.07 7.46 -0.50
C ILE A 98 29.27 6.65 -1.00
N PHE A 99 29.99 6.01 -0.06
CA PHE A 99 31.03 5.04 -0.37
C PHE A 99 30.60 3.74 0.32
N ILE A 100 30.81 2.60 -0.36
CA ILE A 100 30.42 1.28 0.14
C ILE A 100 31.57 0.28 0.05
N SER A 101 31.71 -0.55 1.09
CA SER A 101 32.63 -1.69 1.14
C SER A 101 31.76 -2.91 1.49
N ASN A 102 32.32 -4.13 1.43
CA ASN A 102 31.61 -5.37 1.74
C ASN A 102 31.11 -5.45 3.19
N GLU A 103 31.70 -4.61 4.08
CA GLU A 103 31.36 -4.55 5.51
C GLU A 103 30.35 -3.46 5.87
N SER A 104 30.00 -2.56 4.93
CA SER A 104 29.11 -1.40 5.16
C SER A 104 27.73 -1.77 5.72
N TYR A 105 27.06 -2.75 5.09
CA TYR A 105 25.74 -3.21 5.50
C TYR A 105 25.76 -3.70 6.96
N THR A 106 26.73 -4.57 7.30
CA THR A 106 26.84 -5.12 8.66
C THR A 106 27.10 -4.00 9.67
N CYS A 107 27.96 -3.03 9.31
CA CYS A 107 28.23 -1.90 10.19
C CYS A 107 26.99 -1.02 10.43
N ALA A 108 26.21 -0.75 9.35
CA ALA A 108 24.96 0.01 9.46
C ALA A 108 23.97 -0.76 10.38
N LEU A 109 23.92 -2.10 10.26
CA LEU A 109 23.08 -2.93 11.15
C LEU A 109 23.53 -2.84 12.61
N LEU A 110 24.87 -2.85 12.85
CA LEU A 110 25.41 -2.76 14.21
C LEU A 110 25.17 -1.38 14.81
N ALA A 111 25.24 -0.30 14.00
CA ALA A 111 24.98 1.04 14.50
C ALA A 111 23.51 1.15 14.96
N ALA A 112 22.59 0.59 14.16
CA ALA A 112 21.18 0.60 14.49
C ALA A 112 20.87 -0.28 15.72
N GLY A 113 21.31 -1.53 15.72
CA GLY A 113 21.05 -2.45 16.84
C GLY A 113 21.60 -1.96 18.17
N SER A 114 22.78 -1.30 18.15
CA SER A 114 23.45 -0.71 19.33
C SER A 114 22.52 0.33 19.96
N CYS A 115 21.92 1.21 19.12
CA CYS A 115 20.98 2.22 19.60
C CYS A 115 19.67 1.62 20.08
N PHE A 116 19.21 0.53 19.46
CA PHE A 116 17.97 -0.14 19.94
C PHE A 116 18.22 -0.72 21.33
N ASN A 117 19.38 -1.38 21.53
CA ASN A 117 19.74 -1.93 22.85
C ASN A 117 19.90 -0.83 23.88
N SER A 118 20.34 0.37 23.42
CA SER A 118 20.47 1.53 24.31
C SER A 118 19.10 2.05 24.70
N ALA A 119 18.20 2.30 23.72
CA ALA A 119 16.85 2.77 24.01
C ALA A 119 16.13 1.77 24.91
N GLN A 120 16.32 0.44 24.67
CA GLN A 120 15.75 -0.63 25.48
C GLN A 120 16.25 -0.55 26.94
N ALA A 121 17.56 -0.33 27.14
CA ALA A 121 18.14 -0.22 28.49
C ALA A 121 17.57 0.98 29.24
N ILE A 122 17.29 2.06 28.53
CA ILE A 122 16.68 3.27 29.13
C ILE A 122 15.21 2.96 29.51
N LEU A 123 14.41 2.47 28.53
CA LEU A 123 12.98 2.25 28.73
C LEU A 123 12.64 1.11 29.70
N THR A 124 13.55 0.15 29.90
CA THR A 124 13.34 -0.92 30.88
C THR A 124 13.87 -0.50 32.28
N GLY A 125 14.47 0.70 32.35
CA GLY A 125 15.00 1.23 33.61
C GLY A 125 16.33 0.67 34.03
N GLN A 126 17.06 -0.02 33.11
CA GLN A 126 18.39 -0.54 33.40
C GLN A 126 19.38 0.63 33.58
N VAL A 127 19.24 1.68 32.75
CA VAL A 127 20.02 2.91 32.81
C VAL A 127 19.06 4.11 32.70
N ARG A 128 19.52 5.28 33.14
CA ARG A 128 18.72 6.52 33.02
C ARG A 128 18.95 7.12 31.63
N ASN A 129 20.19 7.12 31.19
CA ASN A 129 20.56 7.73 29.92
C ASN A 129 21.68 6.95 29.24
N ALA A 130 22.07 7.31 27.99
CA ALA A 130 23.11 6.52 27.32
C ALA A 130 23.75 7.25 26.17
N VAL A 131 24.95 6.77 25.81
CA VAL A 131 25.75 7.27 24.69
CA VAL A 131 25.73 7.29 24.69
C VAL A 131 26.04 6.12 23.72
N ALA A 132 25.90 6.36 22.42
CA ALA A 132 26.15 5.33 21.40
C ALA A 132 27.24 5.81 20.45
N ILE A 133 28.45 5.22 20.57
CA ILE A 133 29.63 5.56 19.74
C ILE A 133 29.57 4.66 18.51
N VAL A 134 28.82 5.13 17.50
CA VAL A 134 28.50 4.34 16.30
C VAL A 134 28.89 4.99 14.99
N ARG A 135 29.11 4.16 13.97
CA ARG A 135 29.31 4.57 12.58
C ARG A 135 28.92 3.37 11.68
N PRO A 136 28.45 3.58 10.43
CA PRO A 136 28.27 4.86 9.73
C PRO A 136 27.12 5.67 10.34
N PRO A 137 27.09 7.02 10.12
CA PRO A 137 25.97 7.82 10.64
C PRO A 137 24.65 7.48 9.95
N GLY A 138 23.57 8.14 10.37
CA GLY A 138 22.27 7.79 9.80
C GLY A 138 21.28 8.87 9.39
N HIS A 139 21.42 10.13 9.86
CA HIS A 139 20.36 11.13 9.72
C HIS A 139 20.01 11.61 8.27
N HIS A 140 20.89 11.39 7.28
CA HIS A 140 20.59 11.72 5.87
C HIS A 140 19.84 10.59 5.17
N ALA A 141 19.84 9.36 5.77
CA ALA A 141 19.20 8.22 5.10
C ALA A 141 17.67 8.35 5.06
N GLU A 142 17.11 8.13 3.86
CA GLU A 142 15.68 8.26 3.60
C GLU A 142 15.02 6.90 3.64
N LYS A 143 13.69 6.86 3.55
CA LYS A 143 12.95 5.60 3.58
C LYS A 143 13.49 4.71 2.44
N ASP A 144 13.65 5.29 1.25
CA ASP A 144 14.02 4.55 0.05
C ASP A 144 15.44 4.79 -0.47
N THR A 145 16.27 5.64 0.18
CA THR A 145 17.61 5.84 -0.38
C THR A 145 18.69 6.14 0.69
N ALA A 146 19.96 5.81 0.36
CA ALA A 146 21.12 6.11 1.19
C ALA A 146 21.59 7.51 0.76
N CYS A 147 22.27 8.26 1.64
CA CYS A 147 22.71 9.64 1.36
C CYS A 147 23.70 10.11 2.40
N GLY A 148 24.60 10.99 1.99
CA GLY A 148 25.56 11.65 2.88
C GLY A 148 26.21 10.78 3.92
N PHE A 149 26.85 9.66 3.49
CA PHE A 149 27.57 8.68 4.33
C PHE A 149 26.65 7.81 5.19
N CYS A 150 25.30 7.95 5.03
CA CYS A 150 24.25 7.29 5.82
C CYS A 150 23.52 6.23 5.02
N PHE A 151 23.36 5.01 5.56
CA PHE A 151 22.66 3.88 4.90
C PHE A 151 21.24 3.70 5.43
N PHE A 152 21.10 3.65 6.77
CA PHE A 152 19.80 3.50 7.44
C PHE A 152 19.71 4.59 8.47
N ASN A 153 18.49 5.11 8.69
CA ASN A 153 18.36 6.23 9.61
C ASN A 153 18.26 5.72 11.06
N THR A 154 19.43 5.50 11.68
CA THR A 154 19.62 5.00 13.04
C THR A 154 18.71 5.69 14.06
N ALA A 155 18.73 7.05 14.13
CA ALA A 155 17.92 7.83 15.09
C ALA A 155 16.41 7.67 14.85
N ALA A 156 15.97 7.86 13.58
CA ALA A 156 14.57 7.61 13.20
C ALA A 156 14.10 6.15 13.56
N LEU A 157 14.93 5.12 13.22
CA LEU A 157 14.65 3.69 13.54
C LEU A 157 14.57 3.48 15.04
N THR A 158 15.41 4.18 15.83
CA THR A 158 15.42 4.08 17.30
C THR A 158 14.09 4.62 17.90
N ALA A 159 13.58 5.76 17.34
CA ALA A 159 12.31 6.34 17.79
C ALA A 159 11.18 5.33 17.53
N ARG A 160 11.15 4.70 16.34
CA ARG A 160 10.14 3.67 16.01
C ARG A 160 10.30 2.42 16.85
N TYR A 161 11.56 1.99 17.10
CA TYR A 161 11.84 0.84 17.95
C TYR A 161 11.32 1.10 19.38
N ALA A 162 11.60 2.30 19.93
CA ALA A 162 11.17 2.71 21.28
C ALA A 162 9.63 2.63 21.36
N GLN A 163 8.93 3.15 20.32
CA GLN A 163 7.47 3.07 20.26
C GLN A 163 6.97 1.62 20.17
N SER A 164 7.73 0.76 19.46
CA SER A 164 7.35 -0.68 19.30
C SER A 164 7.42 -1.50 20.61
N ILE A 165 8.13 -1.00 21.64
CA ILE A 165 8.26 -1.72 22.93
C ILE A 165 7.50 -1.00 24.08
N THR A 166 6.83 0.13 23.77
CA THR A 166 6.07 0.88 24.78
C THR A 166 4.66 1.07 24.22
N ARG A 167 4.46 2.13 23.42
CA ARG A 167 3.20 2.44 22.72
C ARG A 167 3.49 3.26 21.49
N GLU A 168 2.68 3.04 20.43
CA GLU A 168 2.80 3.74 19.15
C GLU A 168 2.88 5.26 19.33
N SER A 169 2.15 5.82 20.29
CA SER A 169 2.07 7.25 20.55
C SER A 169 3.15 7.78 21.50
N LEU A 170 4.15 6.93 21.90
CA LEU A 170 5.26 7.38 22.78
C LEU A 170 5.85 8.66 22.19
N ARG A 171 5.86 9.75 22.97
CA ARG A 171 6.40 11.03 22.49
C ARG A 171 7.90 11.01 22.50
N VAL A 172 8.48 11.08 21.29
CA VAL A 172 9.92 11.07 21.12
C VAL A 172 10.39 12.41 20.56
N LEU A 173 11.35 13.01 21.24
CA LEU A 173 11.97 14.22 20.70
C LEU A 173 13.31 13.85 20.12
N ILE A 174 13.56 14.27 18.85
CA ILE A 174 14.84 14.10 18.20
C ILE A 174 15.45 15.50 18.06
N VAL A 175 16.57 15.73 18.73
CA VAL A 175 17.31 16.97 18.59
C VAL A 175 18.53 16.62 17.74
N ASP A 176 18.64 17.24 16.58
CA ASP A 176 19.70 16.93 15.65
C ASP A 176 20.67 18.12 15.61
N TRP A 177 21.82 18.00 16.31
CA TRP A 177 22.76 19.12 16.40
C TRP A 177 23.99 18.94 15.49
N ASP A 178 24.00 17.85 14.69
CA ASP A 178 25.00 17.68 13.64
C ASP A 178 24.88 18.99 12.78
N VAL A 179 25.98 19.49 12.23
CA VAL A 179 25.95 20.74 11.47
C VAL A 179 25.12 20.65 10.17
N HIS A 180 24.80 19.42 9.72
CA HIS A 180 24.01 19.20 8.50
C HIS A 180 22.56 18.91 8.87
N HIS A 181 21.65 19.31 7.98
CA HIS A 181 20.23 19.02 8.17
C HIS A 181 19.98 17.50 8.06
N GLY A 182 19.22 16.92 8.99
CA GLY A 182 18.85 15.52 8.91
C GLY A 182 17.66 15.38 8.00
N ASN A 183 17.87 15.54 6.68
CA ASN A 183 16.80 15.44 5.67
C ASN A 183 15.98 14.14 5.83
N GLY A 184 16.66 13.01 6.07
CA GLY A 184 15.97 11.72 6.17
C GLY A 184 15.05 11.66 7.39
N THR A 185 15.52 12.16 8.52
CA THR A 185 14.72 12.20 9.77
C THR A 185 13.49 13.10 9.60
N GLN A 186 13.68 14.31 9.06
CA GLN A 186 12.55 15.22 8.81
C GLN A 186 11.49 14.53 7.94
N HIS A 187 11.91 13.94 6.78
CA HIS A 187 10.97 13.29 5.86
C HIS A 187 10.24 12.10 6.47
N ILE A 188 10.96 11.28 7.23
CA ILE A 188 10.37 10.09 7.87
C ILE A 188 9.24 10.50 8.83
N PHE A 189 9.43 11.63 9.56
CA PHE A 189 8.40 12.03 10.55
C PHE A 189 7.59 13.28 10.20
N GLU A 190 7.66 13.72 8.93
CA GLU A 190 7.02 14.96 8.47
C GLU A 190 5.54 15.08 8.76
N GLU A 191 4.80 13.98 8.64
CA GLU A 191 3.35 13.95 8.92
C GLU A 191 3.07 13.32 10.29
N ASP A 192 4.06 13.31 11.20
CA ASP A 192 3.95 12.65 12.49
C ASP A 192 4.02 13.62 13.70
N ASP A 193 2.99 13.60 14.60
CA ASP A 193 2.96 14.45 15.80
C ASP A 193 3.50 13.73 17.08
N SER A 194 3.88 12.46 16.95
CA SER A 194 4.42 11.68 18.07
C SER A 194 5.94 11.82 18.12
N VAL A 195 6.56 12.27 17.00
CA VAL A 195 8.01 12.41 16.94
C VAL A 195 8.32 13.87 16.53
N LEU A 196 8.78 14.67 17.51
CA LEU A 196 9.14 16.07 17.28
C LEU A 196 10.58 16.09 16.82
N TYR A 197 10.80 16.64 15.62
CA TYR A 197 12.13 16.73 15.03
C TYR A 197 12.61 18.18 15.12
N ILE A 198 13.75 18.41 15.80
CA ILE A 198 14.33 19.75 15.92
C ILE A 198 15.76 19.69 15.43
N SER A 199 16.07 20.44 14.35
CA SER A 199 17.39 20.43 13.78
C SER A 199 17.99 21.81 13.73
N LEU A 200 19.25 21.91 14.11
CA LEU A 200 20.07 23.12 13.99
C LEU A 200 21.06 22.75 12.95
N HIS A 201 21.24 23.58 11.94
CA HIS A 201 22.15 23.22 10.85
C HIS A 201 22.58 24.39 10.04
N ARG A 202 23.81 24.30 9.54
CA ARG A 202 24.32 25.29 8.61
C ARG A 202 23.49 25.13 7.31
N TYR A 203 23.02 26.24 6.74
CA TYR A 203 22.14 26.20 5.57
C TYR A 203 22.71 26.96 4.38
N GLU A 204 23.09 28.24 4.60
CA GLU A 204 23.67 29.09 3.55
C GLU A 204 22.74 29.21 2.34
N ASP A 205 21.42 29.34 2.58
CA ASP A 205 20.40 29.44 1.52
C ASP A 205 20.45 28.29 0.51
N GLY A 206 20.88 27.12 0.96
CA GLY A 206 20.97 25.92 0.14
C GLY A 206 22.36 25.63 -0.43
N ALA A 207 23.39 26.44 -0.08
CA ALA A 207 24.74 26.17 -0.59
C ALA A 207 25.43 25.06 0.25
N PHE A 208 24.93 24.82 1.47
CA PHE A 208 25.52 23.82 2.35
C PHE A 208 24.80 22.49 2.22
N PHE A 209 25.56 21.38 2.22
CA PHE A 209 25.02 20.02 2.13
C PHE A 209 23.93 19.80 3.21
N PRO A 210 22.75 19.18 2.89
CA PRO A 210 22.38 18.52 1.63
C PRO A 210 21.77 19.38 0.51
N ASN A 211 21.95 20.71 0.53
CA ASN A 211 21.60 21.63 -0.58
C ASN A 211 20.14 21.65 -1.02
N SER A 212 19.23 21.50 -0.05
CA SER A 212 17.79 21.50 -0.32
C SER A 212 17.07 22.56 0.51
N GLU A 213 16.04 23.19 -0.07
CA GLU A 213 15.21 24.17 0.68
C GLU A 213 14.33 23.48 1.74
N ASP A 214 14.35 22.13 1.76
CA ASP A 214 13.66 21.33 2.77
C ASP A 214 14.19 21.67 4.18
N ALA A 215 15.45 22.22 4.25
CA ALA A 215 16.14 22.57 5.51
C ALA A 215 15.78 23.97 6.04
N ASN A 216 14.93 24.71 5.30
CA ASN A 216 14.58 26.06 5.70
C ASN A 216 13.55 26.07 6.85
N TYR A 217 13.53 27.20 7.59
CA TYR A 217 12.69 27.43 8.77
C TYR A 217 11.17 27.30 8.51
N ASP A 218 10.73 27.52 7.25
CA ASP A 218 9.32 27.48 6.88
C ASP A 218 8.79 26.04 6.63
N LYS A 219 9.65 25.02 6.76
CA LYS A 219 9.22 23.62 6.62
C LYS A 219 8.87 23.18 8.03
N VAL A 220 7.57 23.32 8.38
CA VAL A 220 7.06 23.15 9.75
C VAL A 220 6.38 21.79 9.99
N GLY A 221 6.38 20.94 8.96
CA GLY A 221 5.71 19.64 9.01
C GLY A 221 4.45 19.66 8.16
N LEU A 222 3.85 18.49 7.93
CA LEU A 222 2.66 18.35 7.09
C LEU A 222 1.50 17.69 7.83
N GLY A 223 0.27 18.12 7.52
CA GLY A 223 -0.96 17.58 8.10
C GLY A 223 -0.94 17.60 9.61
N LYS A 224 -1.11 16.41 10.25
CA LYS A 224 -1.11 16.31 11.71
C LYS A 224 0.27 16.60 12.30
N GLY A 225 1.31 16.54 11.47
CA GLY A 225 2.69 16.85 11.83
C GLY A 225 3.04 18.32 11.81
N ARG A 226 2.06 19.21 11.50
CA ARG A 226 2.26 20.66 11.45
C ARG A 226 2.65 21.19 12.83
N GLY A 227 3.83 21.81 12.90
CA GLY A 227 4.45 22.31 14.11
C GLY A 227 5.42 21.33 14.74
N TYR A 228 5.47 20.07 14.24
CA TYR A 228 6.35 19.03 14.82
C TYR A 228 7.66 18.85 14.03
N ASN A 229 7.99 19.82 13.16
CA ASN A 229 9.25 19.83 12.42
C ASN A 229 9.82 21.23 12.57
N VAL A 230 10.95 21.35 13.29
CA VAL A 230 11.56 22.65 13.63
C VAL A 230 12.98 22.71 13.05
N ASN A 231 13.15 23.51 11.99
CA ASN A 231 14.44 23.72 11.36
C ASN A 231 14.97 25.07 11.78
N ILE A 232 16.21 25.08 12.29
CA ILE A 232 16.91 26.28 12.76
C ILE A 232 18.11 26.41 11.83
N PRO A 233 17.93 27.14 10.70
CA PRO A 233 19.00 27.21 9.70
C PRO A 233 19.95 28.38 9.87
N TRP A 234 21.28 28.14 9.84
CA TRP A 234 22.26 29.23 9.97
C TRP A 234 22.74 29.70 8.61
N ASN A 235 22.89 31.00 8.45
CA ASN A 235 23.36 31.65 7.20
C ASN A 235 24.34 32.71 7.55
N GLY A 236 25.27 32.98 6.63
N GLY A 236 25.41 32.84 6.77
CA GLY A 236 26.27 34.04 6.74
CA GLY A 236 26.42 33.85 7.04
C GLY A 236 26.89 34.22 8.11
C GLY A 236 27.75 33.31 7.55
N GLY A 237 27.69 33.24 8.52
N GLY A 237 28.43 34.14 8.32
CA GLY A 237 28.34 33.26 9.83
CA GLY A 237 29.76 33.84 8.81
C GLY A 237 28.87 31.93 10.33
C GLY A 237 29.85 33.28 10.22
N LYS A 238 30.02 32.01 11.04
N LYS A 238 30.24 31.98 10.30
CA LYS A 238 30.77 30.90 11.65
CA LYS A 238 30.53 31.14 11.47
C LYS A 238 30.28 30.87 13.09
C LYS A 238 29.66 31.33 12.73
N MET A 239 29.13 30.22 13.27
CA MET A 239 28.39 30.14 14.51
C MET A 239 29.14 29.32 15.55
N GLY A 240 28.90 29.65 16.81
CA GLY A 240 29.53 28.95 17.93
C GLY A 240 28.63 28.87 19.13
N ASP A 241 29.21 28.72 20.32
CA ASP A 241 28.46 28.61 21.58
C ASP A 241 27.40 29.68 21.79
N PRO A 242 27.65 31.01 21.60
CA PRO A 242 26.58 32.00 21.86
C PRO A 242 25.29 31.73 21.06
N GLU A 243 25.44 31.40 19.77
CA GLU A 243 24.35 31.14 18.82
C GLU A 243 23.59 29.86 19.17
N TYR A 244 24.34 28.80 19.51
CA TYR A 244 23.72 27.50 19.89
C TYR A 244 23.02 27.59 21.23
N MET A 245 23.62 28.33 22.18
CA MET A 245 23.00 28.54 23.50
C MET A 245 21.69 29.34 23.31
N ALA A 246 21.71 30.37 22.42
CA ALA A 246 20.54 31.21 22.16
C ALA A 246 19.41 30.42 21.48
N ALA A 247 19.75 29.55 20.50
CA ALA A 247 18.79 28.72 19.82
C ALA A 247 18.08 27.78 20.84
N PHE A 248 18.85 27.20 21.77
CA PHE A 248 18.32 26.37 22.84
C PHE A 248 17.44 27.19 23.82
N HIS A 249 17.85 28.44 24.14
CA HIS A 249 17.11 29.31 25.07
C HIS A 249 15.75 29.76 24.50
N HIS A 250 15.74 30.24 23.27
CA HIS A 250 14.54 30.78 22.63
C HIS A 250 13.68 29.74 21.91
N LEU A 251 14.27 28.65 21.44
CA LEU A 251 13.50 27.69 20.64
C LEU A 251 13.48 26.25 21.13
N VAL A 252 14.68 25.59 21.19
CA VAL A 252 14.75 24.14 21.49
C VAL A 252 14.08 23.78 22.83
N MET A 253 14.48 24.48 23.90
CA MET A 253 13.95 24.17 25.24
C MET A 253 12.46 24.59 25.43
N PRO A 254 11.96 25.79 25.01
CA PRO A 254 10.52 26.08 25.20
C PRO A 254 9.60 25.11 24.44
N ILE A 255 9.97 24.75 23.20
CA ILE A 255 9.18 23.82 22.39
C ILE A 255 9.21 22.42 22.98
N ALA A 256 10.42 21.93 23.36
CA ALA A 256 10.60 20.62 23.98
C ALA A 256 9.82 20.46 25.30
N ARG A 257 9.79 21.50 26.13
CA ARG A 257 9.04 21.50 27.39
C ARG A 257 7.52 21.43 27.13
N GLU A 258 7.03 22.15 26.11
CA GLU A 258 5.60 22.12 25.76
C GLU A 258 5.21 20.72 25.19
N PHE A 259 6.08 20.14 24.34
CA PHE A 259 5.87 18.80 23.79
C PHE A 259 5.89 17.70 24.87
N ALA A 260 6.69 17.88 25.94
CA ALA A 260 6.81 16.93 27.08
C ALA A 260 7.18 15.50 26.55
N PRO A 261 8.41 15.33 26.01
CA PRO A 261 8.80 14.02 25.47
C PRO A 261 8.98 13.01 26.57
N GLU A 262 8.83 11.73 26.19
CA GLU A 262 8.98 10.60 27.09
C GLU A 262 10.33 9.96 26.83
N LEU A 263 11.01 10.41 25.75
CA LEU A 263 12.33 9.94 25.39
C LEU A 263 12.96 10.99 24.51
N VAL A 264 14.25 11.28 24.75
CA VAL A 264 15.00 12.23 23.92
C VAL A 264 16.11 11.48 23.25
N LEU A 265 16.18 11.60 21.91
CA LEU A 265 17.26 11.07 21.11
C LEU A 265 18.02 12.27 20.59
N VAL A 266 19.34 12.22 20.67
CA VAL A 266 20.16 13.26 20.10
C VAL A 266 20.88 12.71 18.89
N SER A 267 20.61 13.30 17.71
CA SER A 267 21.39 13.01 16.50
C SER A 267 22.61 13.95 16.69
N ALA A 268 23.61 13.43 17.41
CA ALA A 268 24.77 14.14 17.85
C ALA A 268 25.97 14.04 16.93
N GLY A 269 25.92 14.82 15.89
CA GLY A 269 27.09 14.98 15.04
C GLY A 269 27.93 16.04 15.74
N PHE A 270 29.25 15.94 15.67
CA PHE A 270 30.16 16.89 16.31
C PHE A 270 30.94 17.67 15.24
N ASP A 271 30.25 17.92 14.12
CA ASP A 271 30.83 18.64 12.99
C ASP A 271 30.55 20.13 13.03
N ALA A 272 29.81 20.61 14.06
CA ALA A 272 29.66 22.06 14.27
C ALA A 272 30.78 22.50 15.23
N ALA A 273 31.67 21.56 15.59
CA ALA A 273 32.73 21.80 16.55
C ALA A 273 33.88 22.63 15.98
N ARG A 274 34.55 23.37 16.86
CA ARG A 274 35.77 24.13 16.60
C ARG A 274 36.80 23.10 16.06
N GLY A 275 37.40 23.40 14.89
CA GLY A 275 38.36 22.51 14.24
C GLY A 275 37.82 21.57 13.16
N ASP A 276 36.46 21.46 13.07
CA ASP A 276 35.89 20.56 12.04
C ASP A 276 36.15 21.08 10.63
N PRO A 277 36.75 20.27 9.74
CA PRO A 277 37.07 20.77 8.39
C PRO A 277 35.86 20.92 7.45
N LEU A 278 34.76 20.20 7.75
CA LEU A 278 33.54 20.25 6.92
C LEU A 278 32.53 21.28 7.41
N GLY A 279 32.42 21.42 8.73
CA GLY A 279 31.46 22.31 9.36
C GLY A 279 31.73 23.80 9.28
N GLY A 280 32.98 24.21 9.53
CA GLY A 280 33.39 25.61 9.54
C GLY A 280 32.87 26.40 10.74
N PHE A 281 32.31 25.71 11.75
CA PHE A 281 31.73 26.32 12.95
C PHE A 281 32.66 26.22 14.17
N GLN A 282 32.25 26.80 15.31
CA GLN A 282 33.12 26.90 16.48
C GLN A 282 32.47 26.51 17.81
N VAL A 283 31.56 25.51 17.80
CA VAL A 283 30.99 25.01 19.06
C VAL A 283 32.11 24.33 19.87
N THR A 284 32.22 24.65 21.16
CA THR A 284 33.31 24.09 21.98
C THR A 284 32.85 22.83 22.70
N PRO A 285 33.78 21.99 23.23
CA PRO A 285 33.33 20.81 24.01
C PRO A 285 32.45 21.22 25.19
N GLU A 286 32.73 22.41 25.78
CA GLU A 286 31.93 22.96 26.89
C GLU A 286 30.52 23.36 26.41
N GLY A 287 30.43 23.87 25.18
CA GLY A 287 29.16 24.19 24.52
C GLY A 287 28.28 22.96 24.40
N TYR A 288 28.84 21.84 23.89
CA TYR A 288 28.11 20.56 23.80
C TYR A 288 27.69 20.05 25.17
N ALA A 289 28.55 20.24 26.18
CA ALA A 289 28.24 19.84 27.56
C ALA A 289 27.01 20.61 28.06
N HIS A 290 26.93 21.93 27.78
CA HIS A 290 25.77 22.75 28.14
C HIS A 290 24.49 22.34 27.41
N LEU A 291 24.60 22.02 26.11
CA LEU A 291 23.45 21.55 25.33
C LEU A 291 22.92 20.24 25.91
N THR A 292 23.83 19.31 26.26
CA THR A 292 23.48 18.00 26.83
C THR A 292 22.78 18.18 28.18
N HIS A 293 23.37 19.05 29.04
CA HIS A 293 22.84 19.31 30.38
C HIS A 293 21.40 19.85 30.28
N GLN A 294 21.15 20.74 29.29
CA GLN A 294 19.80 21.28 29.06
C GLN A 294 18.82 20.16 28.69
N LEU A 295 19.22 19.28 27.75
CA LEU A 295 18.34 18.17 27.35
C LEU A 295 18.05 17.20 28.47
N MET A 296 18.96 17.07 29.46
CA MET A 296 18.75 16.18 30.61
C MET A 296 17.57 16.60 31.52
N SER A 297 17.11 17.89 31.43
CA SER A 297 15.95 18.39 32.18
C SER A 297 14.62 17.86 31.57
N LEU A 298 14.69 17.19 30.42
CA LEU A 298 13.49 16.67 29.72
C LEU A 298 13.35 15.17 29.95
N ALA A 299 12.12 14.64 29.74
CA ALA A 299 11.77 13.21 29.74
C ALA A 299 12.30 12.44 30.95
N ALA A 300 12.34 13.09 32.14
CA ALA A 300 12.87 12.52 33.39
C ALA A 300 14.32 12.03 33.21
N GLY A 301 15.08 12.75 32.36
CA GLY A 301 16.47 12.45 32.04
C GLY A 301 16.71 11.32 31.06
N ARG A 302 15.64 10.83 30.40
CA ARG A 302 15.78 9.71 29.43
C ARG A 302 16.32 10.26 28.10
N VAL A 303 17.66 10.34 28.01
CA VAL A 303 18.39 10.89 26.85
C VAL A 303 19.32 9.85 26.28
N LEU A 304 19.28 9.66 24.96
CA LEU A 304 20.21 8.80 24.24
C LEU A 304 20.95 9.66 23.22
N ILE A 305 22.29 9.72 23.36
CA ILE A 305 23.16 10.51 22.47
C ILE A 305 23.73 9.57 21.42
N ILE A 306 23.37 9.81 20.15
CA ILE A 306 23.80 8.98 19.03
C ILE A 306 24.77 9.75 18.14
N LEU A 307 25.97 9.22 17.96
CA LEU A 307 26.96 9.86 17.09
C LEU A 307 26.48 9.90 15.62
N GLU A 308 26.58 11.08 14.97
CA GLU A 308 26.24 11.27 13.55
C GLU A 308 27.56 11.65 12.85
N GLY A 309 27.69 12.90 12.40
CA GLY A 309 28.91 13.41 11.77
C GLY A 309 29.94 13.93 12.76
N GLY A 310 30.97 14.61 12.24
CA GLY A 310 32.05 15.15 13.05
C GLY A 310 33.33 14.48 12.62
N TYR A 311 34.30 15.28 12.13
CA TYR A 311 35.46 14.78 11.40
C TYR A 311 36.84 15.18 11.91
N ASN A 312 36.91 16.12 12.85
CA ASN A 312 38.21 16.41 13.45
C ASN A 312 38.27 15.43 14.63
N LEU A 313 39.18 14.43 14.54
CA LEU A 313 39.28 13.35 15.53
C LEU A 313 39.46 13.81 16.98
N THR A 314 40.28 14.86 17.21
CA THR A 314 40.46 15.37 18.58
C THR A 314 39.18 16.08 19.05
N SER A 315 38.59 16.90 18.15
CA SER A 315 37.37 17.66 18.46
CA SER A 315 37.38 17.67 18.44
C SER A 315 36.19 16.78 18.80
N ILE A 316 35.94 15.73 18.00
CA ILE A 316 34.81 14.82 18.27
C ILE A 316 35.01 14.01 19.56
N SER A 317 36.28 13.59 19.82
CA SER A 317 36.64 12.78 21.01
C SER A 317 36.40 13.57 22.28
N GLU A 318 36.83 14.85 22.29
CA GLU A 318 36.62 15.74 23.44
C GLU A 318 35.15 16.11 23.63
N SER A 319 34.46 16.52 22.54
CA SER A 319 33.06 16.95 22.54
C SER A 319 32.10 15.84 22.98
N MET A 320 32.24 14.63 22.39
CA MET A 320 31.39 13.50 22.81
C MET A 320 31.66 13.06 24.26
N SER A 321 32.95 13.00 24.69
CA SER A 321 33.32 12.62 26.05
CA SER A 321 33.31 12.61 26.05
C SER A 321 32.72 13.60 27.05
N MET A 322 32.68 14.91 26.68
CA MET A 322 32.07 15.97 27.48
C MET A 322 30.57 15.69 27.62
N CYS A 323 29.92 15.18 26.56
CA CYS A 323 28.50 14.85 26.66
C CYS A 323 28.25 13.72 27.66
N THR A 324 29.08 12.66 27.61
CA THR A 324 28.99 11.50 28.50
C THR A 324 29.19 11.94 29.95
N SER A 325 30.12 12.86 30.17
CA SER A 325 30.42 13.40 31.51
C SER A 325 29.17 14.06 32.07
N MET A 326 28.46 14.81 31.23
CA MET A 326 27.21 15.47 31.64
C MET A 326 26.14 14.43 31.97
N LEU A 327 25.99 13.38 31.13
CA LEU A 327 25.02 12.31 31.41
C LEU A 327 25.31 11.58 32.72
N LEU A 328 26.60 11.44 33.08
CA LEU A 328 27.04 10.83 34.34
C LEU A 328 26.77 11.71 35.58
N GLY A 329 26.27 12.93 35.36
CA GLY A 329 25.91 13.85 36.43
C GLY A 329 26.96 14.87 36.81
N ASP A 330 28.09 14.95 36.06
CA ASP A 330 29.16 15.91 36.36
C ASP A 330 28.67 17.34 36.16
N SER A 331 29.22 18.26 36.97
CA SER A 331 28.85 19.67 36.95
C SER A 331 29.16 20.29 35.58
N PRO A 332 28.18 21.03 34.99
CA PRO A 332 28.43 21.67 33.69
C PRO A 332 29.62 22.64 33.78
N PRO A 333 30.58 22.60 32.80
CA PRO A 333 31.76 23.48 32.91
C PRO A 333 31.43 24.94 32.62
N SER A 334 32.32 25.85 33.06
CA SER A 334 32.23 27.30 32.89
C SER A 334 32.07 27.68 31.42
N LEU A 335 30.95 28.38 31.11
CA LEU A 335 30.60 28.85 29.76
C LEU A 335 30.21 30.34 29.76
N LEU A 338 29.49 34.14 27.22
CA LEU A 338 30.36 34.27 26.06
C LEU A 338 30.30 35.68 25.49
N THR A 339 29.56 35.88 24.36
CA THR A 339 29.47 37.15 23.63
C THR A 339 28.06 37.41 22.99
N PRO A 340 27.74 38.68 22.55
CA PRO A 340 26.50 38.92 21.78
C PRO A 340 26.54 38.10 20.47
N LEU A 341 25.36 37.76 19.91
CA LEU A 341 25.27 36.90 18.72
C LEU A 341 25.57 37.59 17.43
N LYS A 342 25.95 36.78 16.42
CA LYS A 342 26.15 37.23 15.05
C LYS A 342 24.76 37.68 14.59
N THR A 343 24.68 38.84 13.91
CA THR A 343 23.42 39.44 13.47
C THR A 343 22.53 38.47 12.68
N SER A 344 23.10 37.66 11.79
CA SER A 344 22.35 36.67 10.99
C SER A 344 21.76 35.54 11.85
N ALA A 345 22.37 35.24 13.00
CA ALA A 345 21.87 34.21 13.93
C ALA A 345 20.59 34.72 14.60
N THR A 346 20.50 36.04 14.93
CA THR A 346 19.30 36.67 15.48
C THR A 346 18.21 36.62 14.41
N VAL A 347 18.58 36.90 13.13
CA VAL A 347 17.66 36.84 12.00
C VAL A 347 17.08 35.41 11.89
N SER A 348 17.95 34.38 11.96
CA SER A 348 17.52 32.98 11.91
C SER A 348 16.59 32.61 13.05
N ILE A 349 16.96 32.95 14.29
CA ILE A 349 16.15 32.61 15.48
C ILE A 349 14.75 33.21 15.34
N ASN A 350 14.69 34.51 14.98
CA ASN A 350 13.44 35.26 14.79
C ASN A 350 12.58 34.68 13.68
N ASN A 351 13.19 34.18 12.57
CA ASN A 351 12.45 33.55 11.49
C ASN A 351 11.76 32.27 11.98
N VAL A 352 12.48 31.45 12.78
CA VAL A 352 11.94 30.21 13.35
C VAL A 352 10.81 30.55 14.32
N LEU A 353 11.02 31.54 15.20
CA LEU A 353 10.00 31.98 16.17
C LEU A 353 8.70 32.37 15.44
N ARG A 354 8.80 33.14 14.33
CA ARG A 354 7.64 33.56 13.54
C ARG A 354 6.93 32.35 12.88
N ALA A 355 7.73 31.36 12.45
CA ALA A 355 7.21 30.15 11.80
C ALA A 355 6.50 29.21 12.77
N HIS A 356 7.02 29.10 14.00
CA HIS A 356 6.50 28.16 14.98
C HIS A 356 5.61 28.76 16.08
N ALA A 357 5.47 30.12 16.17
CA ALA A 357 4.54 30.72 17.16
C ALA A 357 3.09 30.23 16.99
N PRO A 358 2.52 30.00 15.76
CA PRO A 358 1.15 29.49 15.67
C PRO A 358 0.92 28.10 16.26
N PHE A 359 1.99 27.30 16.44
CA PHE A 359 1.85 25.92 16.93
C PHE A 359 2.26 25.68 18.39
N TRP A 360 3.03 26.62 18.98
CA TRP A 360 3.55 26.49 20.33
C TRP A 360 3.21 27.72 21.18
N SER A 361 2.35 27.54 22.22
CA SER A 361 1.92 28.62 23.11
C SER A 361 3.08 29.28 23.87
N SER A 362 4.15 28.53 24.17
CA SER A 362 5.33 29.05 24.89
C SER A 362 6.11 30.11 24.10
N LEU A 363 5.94 30.14 22.76
CA LEU A 363 6.62 31.11 21.89
C LEU A 363 5.79 32.39 21.71
N ARG A 364 4.49 32.34 22.08
CA ARG A 364 3.56 33.48 21.95
C ARG A 364 3.55 34.33 23.22
N PRO B 8 8.90 1.53 -21.55
CA PRO B 8 8.77 0.08 -21.37
C PRO B 8 7.44 -0.47 -21.93
N ILE B 9 7.53 -1.45 -22.84
CA ILE B 9 6.35 -2.04 -23.48
C ILE B 9 6.23 -3.51 -23.05
N THR B 10 5.00 -3.99 -22.84
CA THR B 10 4.73 -5.38 -22.48
C THR B 10 4.07 -6.10 -23.64
N GLY B 11 4.64 -7.23 -24.03
CA GLY B 11 4.08 -8.06 -25.08
C GLY B 11 3.08 -9.04 -24.53
N LEU B 12 2.11 -9.45 -25.36
CA LEU B 12 1.12 -10.46 -25.00
C LEU B 12 0.87 -11.36 -26.20
N VAL B 13 0.92 -12.67 -25.99
CA VAL B 13 0.58 -13.62 -27.04
C VAL B 13 -0.58 -14.51 -26.56
N TYR B 14 -1.61 -14.64 -27.39
CA TYR B 14 -2.78 -15.49 -27.17
C TYR B 14 -3.36 -15.86 -28.52
N ASP B 15 -3.67 -17.14 -28.72
CA ASP B 15 -4.28 -17.60 -29.95
C ASP B 15 -5.31 -18.64 -29.61
N GLN B 16 -6.58 -18.40 -29.98
CA GLN B 16 -7.69 -19.31 -29.68
C GLN B 16 -7.54 -20.70 -30.32
N ARG B 17 -6.65 -20.84 -31.35
CA ARG B 17 -6.40 -22.15 -31.97
C ARG B 17 -5.81 -23.17 -30.96
N MET B 18 -5.15 -22.67 -29.90
CA MET B 18 -4.62 -23.54 -28.83
C MET B 18 -5.72 -24.18 -27.96
N MET B 19 -6.98 -23.76 -28.15
CA MET B 19 -8.14 -24.36 -27.47
C MET B 19 -8.54 -25.69 -28.11
N LEU B 20 -8.09 -25.95 -29.38
CA LEU B 20 -8.48 -27.15 -30.12
C LEU B 20 -8.04 -28.49 -29.47
N HIS B 21 -6.91 -28.49 -28.74
CA HIS B 21 -6.42 -29.66 -27.99
C HIS B 21 -7.44 -29.97 -26.89
N HIS B 22 -8.02 -31.18 -26.92
CA HIS B 22 -9.04 -31.54 -25.95
C HIS B 22 -9.01 -33.02 -25.57
N ASN B 23 -9.74 -33.35 -24.51
CA ASN B 23 -9.87 -34.73 -24.03
C ASN B 23 -11.21 -35.25 -24.52
N MET B 24 -11.19 -36.06 -25.59
CA MET B 24 -12.41 -36.61 -26.20
C MET B 24 -13.16 -37.63 -25.35
N TRP B 25 -12.49 -38.21 -24.32
CA TRP B 25 -13.09 -39.23 -23.46
C TRP B 25 -13.60 -38.63 -22.15
N ASP B 26 -12.98 -37.52 -21.71
CA ASP B 26 -13.35 -36.87 -20.44
C ASP B 26 -13.35 -35.36 -20.62
N SER B 27 -14.50 -34.81 -21.05
CA SER B 27 -14.68 -33.38 -21.32
C SER B 27 -14.51 -32.47 -20.07
N HIS B 28 -14.47 -33.07 -18.88
CA HIS B 28 -14.28 -32.39 -17.60
C HIS B 28 -12.84 -32.46 -17.10
N HIS B 29 -11.91 -33.08 -17.89
CA HIS B 29 -10.50 -33.14 -17.52
C HIS B 29 -10.05 -31.70 -17.17
N PRO B 30 -9.34 -31.48 -16.03
CA PRO B 30 -9.01 -30.09 -15.62
C PRO B 30 -8.20 -29.26 -16.61
N GLU B 31 -7.37 -29.88 -17.47
CA GLU B 31 -6.57 -29.12 -18.45
C GLU B 31 -7.48 -28.77 -19.65
N LEU B 32 -8.42 -27.84 -19.38
CA LEU B 32 -9.49 -27.42 -20.28
C LEU B 32 -9.08 -26.41 -21.34
N PRO B 33 -9.72 -26.51 -22.54
CA PRO B 33 -9.52 -25.47 -23.58
C PRO B 33 -9.80 -24.05 -23.05
N GLN B 34 -10.86 -23.89 -22.21
CA GLN B 34 -11.26 -22.58 -21.67
C GLN B 34 -10.30 -21.98 -20.62
N ARG B 35 -9.23 -22.71 -20.21
CA ARG B 35 -8.22 -22.14 -19.30
C ARG B 35 -7.62 -20.86 -19.95
N ILE B 36 -7.22 -20.94 -21.24
CA ILE B 36 -6.61 -19.82 -21.92
C ILE B 36 -7.62 -18.73 -22.34
N SER B 37 -8.84 -19.11 -22.78
CA SER B 37 -9.87 -18.13 -23.18
C SER B 37 -10.37 -17.34 -21.99
N ARG B 38 -10.48 -17.98 -20.79
CA ARG B 38 -10.88 -17.27 -19.57
C ARG B 38 -9.79 -16.28 -19.13
N ILE B 39 -8.50 -16.67 -19.20
CA ILE B 39 -7.39 -15.76 -18.84
C ILE B 39 -7.40 -14.55 -19.79
N PHE B 40 -7.52 -14.82 -21.11
CA PHE B 40 -7.56 -13.77 -22.14
C PHE B 40 -8.75 -12.81 -21.89
N SER B 41 -9.96 -13.38 -21.64
CA SER B 41 -11.16 -12.59 -21.34
CA SER B 41 -11.14 -12.56 -21.36
C SER B 41 -10.93 -11.69 -20.12
N ARG B 42 -10.24 -12.22 -19.06
CA ARG B 42 -9.96 -11.43 -17.86
C ARG B 42 -9.06 -10.21 -18.16
N HIS B 43 -8.10 -10.39 -19.12
CA HIS B 43 -7.22 -9.30 -19.56
C HIS B 43 -8.04 -8.20 -20.25
N GLU B 44 -9.09 -8.57 -21.01
CA GLU B 44 -9.99 -7.61 -21.67
C GLU B 44 -10.85 -6.88 -20.63
N GLU B 45 -11.44 -7.63 -19.67
CA GLU B 45 -12.28 -7.05 -18.60
C GLU B 45 -11.54 -6.01 -17.78
N LEU B 46 -10.26 -6.29 -17.45
CA LEU B 46 -9.39 -5.42 -16.66
C LEU B 46 -8.69 -4.35 -17.47
N ARG B 47 -8.97 -4.31 -18.79
CA ARG B 47 -8.42 -3.33 -19.76
C ARG B 47 -6.90 -3.40 -19.86
N LEU B 48 -6.35 -4.63 -19.69
CA LEU B 48 -4.91 -4.90 -19.76
C LEU B 48 -4.46 -5.18 -21.17
N LEU B 49 -5.33 -5.84 -21.97
CA LEU B 49 -5.03 -6.22 -23.35
C LEU B 49 -4.60 -5.05 -24.23
N SER B 50 -5.40 -3.97 -24.26
CA SER B 50 -5.12 -2.77 -25.06
C SER B 50 -3.83 -2.04 -24.66
N ARG B 51 -3.32 -2.31 -23.44
CA ARG B 51 -2.08 -1.71 -22.92
C ARG B 51 -0.85 -2.50 -23.37
N CYS B 52 -1.05 -3.72 -23.90
CA CYS B 52 0.02 -4.60 -24.37
C CYS B 52 0.25 -4.49 -25.86
N HIS B 53 1.44 -4.88 -26.31
CA HIS B 53 1.76 -5.01 -27.72
C HIS B 53 1.42 -6.47 -28.05
N ARG B 54 0.49 -6.69 -28.98
CA ARG B 54 0.06 -8.03 -29.36
C ARG B 54 1.11 -8.74 -30.21
N ILE B 55 1.66 -9.85 -29.68
CA ILE B 55 2.68 -10.66 -30.36
C ILE B 55 1.95 -11.83 -31.02
N PRO B 56 2.17 -12.08 -32.34
CA PRO B 56 1.45 -13.20 -32.98
C PRO B 56 1.97 -14.56 -32.56
N ALA B 57 1.08 -15.53 -32.53
CA ALA B 57 1.44 -16.92 -32.29
C ALA B 57 2.01 -17.43 -33.64
N ARG B 58 2.85 -18.45 -33.58
CA ARG B 58 3.35 -19.15 -34.76
C ARG B 58 3.62 -20.58 -34.36
N LEU B 59 3.79 -21.44 -35.34
CA LEU B 59 4.15 -22.82 -35.07
C LEU B 59 5.66 -22.86 -34.86
N ALA B 60 6.09 -23.65 -33.88
CA ALA B 60 7.48 -23.99 -33.71
C ALA B 60 7.74 -24.95 -34.89
N THR B 61 8.99 -25.00 -35.38
CA THR B 61 9.37 -25.92 -36.44
C THR B 61 9.97 -27.16 -35.78
N GLU B 62 10.08 -28.28 -36.53
CA GLU B 62 10.66 -29.51 -36.00
C GLU B 62 12.13 -29.35 -35.64
N GLU B 63 12.88 -28.53 -36.41
CA GLU B 63 14.28 -28.18 -36.10
C GLU B 63 14.29 -27.44 -34.71
N GLU B 64 13.32 -26.54 -34.45
CA GLU B 64 13.24 -25.88 -33.13
C GLU B 64 12.93 -26.86 -31.98
N LEU B 65 12.06 -27.84 -32.23
CA LEU B 65 11.77 -28.86 -31.22
C LEU B 65 13.03 -29.69 -30.89
N ALA B 66 13.91 -29.91 -31.90
CA ALA B 66 15.17 -30.66 -31.81
C ALA B 66 16.21 -30.00 -30.90
N LEU B 67 15.98 -28.75 -30.49
CA LEU B 67 16.84 -28.04 -29.52
C LEU B 67 16.84 -28.78 -28.16
N CYS B 68 15.69 -29.41 -27.81
CA CYS B 68 15.52 -30.15 -26.55
C CYS B 68 15.04 -31.57 -26.69
N HIS B 69 14.33 -31.93 -27.79
CA HIS B 69 13.69 -33.26 -27.88
C HIS B 69 14.33 -34.17 -28.94
N SER B 70 14.26 -35.49 -28.70
CA SER B 70 14.79 -36.49 -29.64
C SER B 70 13.94 -36.52 -30.91
N SER B 71 14.52 -36.96 -32.05
CA SER B 71 13.79 -37.07 -33.31
C SER B 71 12.62 -38.10 -33.16
N LYS B 72 12.82 -39.14 -32.33
CA LYS B 72 11.78 -40.15 -32.10
C LYS B 72 10.57 -39.56 -31.41
N HIS B 73 10.81 -38.77 -30.37
CA HIS B 73 9.72 -38.15 -29.63
C HIS B 73 8.94 -37.20 -30.54
N ILE B 74 9.65 -36.34 -31.30
CA ILE B 74 9.01 -35.42 -32.23
C ILE B 74 8.14 -36.16 -33.24
N SER B 75 8.67 -37.24 -33.87
CA SER B 75 7.96 -38.01 -34.89
CA SER B 75 7.96 -38.00 -34.89
C SER B 75 6.68 -38.65 -34.32
N ILE B 76 6.77 -39.25 -33.12
CA ILE B 76 5.62 -39.90 -32.48
C ILE B 76 4.48 -38.90 -32.23
N ILE B 77 4.78 -37.75 -31.58
CA ILE B 77 3.76 -36.75 -31.31
C ILE B 77 3.21 -36.19 -32.60
N LYS B 78 4.10 -35.90 -33.58
CA LYS B 78 3.66 -35.42 -34.89
C LYS B 78 2.70 -36.43 -35.55
N SER B 79 2.98 -37.75 -35.43
CA SER B 79 2.14 -38.78 -36.05
C SER B 79 0.74 -38.86 -35.48
N SER B 80 0.52 -38.29 -34.26
CA SER B 80 -0.76 -38.34 -33.58
C SER B 80 -1.85 -37.54 -34.29
N GLU B 81 -1.44 -36.55 -35.11
CA GLU B 81 -2.39 -35.72 -35.86
C GLU B 81 -3.28 -36.51 -36.78
N HIS B 82 -2.78 -37.65 -37.27
CA HIS B 82 -3.45 -38.51 -38.25
C HIS B 82 -4.04 -39.80 -37.67
N MET B 83 -4.05 -39.94 -36.32
CA MET B 83 -4.54 -41.13 -35.63
C MET B 83 -6.05 -41.13 -35.39
N LYS B 84 -6.64 -42.32 -35.44
CA LYS B 84 -8.05 -42.52 -35.14
C LYS B 84 -8.20 -42.49 -33.59
N PRO B 85 -9.41 -42.23 -33.03
CA PRO B 85 -9.52 -42.19 -31.55
C PRO B 85 -8.88 -43.35 -30.78
N ARG B 86 -9.06 -44.63 -31.23
CA ARG B 86 -8.51 -45.77 -30.47
C ARG B 86 -6.95 -45.73 -30.39
N ASP B 87 -6.26 -45.25 -31.46
CA ASP B 87 -4.80 -45.15 -31.48
C ASP B 87 -4.30 -43.97 -30.65
N LEU B 88 -5.10 -42.89 -30.56
CA LEU B 88 -4.79 -41.76 -29.66
C LEU B 88 -4.90 -42.22 -28.19
N ASN B 89 -5.90 -43.09 -27.92
CA ASN B 89 -6.08 -43.64 -26.58
C ASN B 89 -4.84 -44.50 -26.23
N ARG B 90 -4.41 -45.35 -27.17
CA ARG B 90 -3.25 -46.22 -26.99
C ARG B 90 -1.97 -45.42 -26.81
N LEU B 91 -1.82 -44.35 -27.61
CA LEU B 91 -0.62 -43.53 -27.56
C LEU B 91 -0.52 -42.77 -26.24
N GLY B 92 -1.61 -42.13 -25.83
CA GLY B 92 -1.66 -41.38 -24.58
C GLY B 92 -1.35 -42.24 -23.36
N ASP B 93 -1.75 -43.52 -23.43
CA ASP B 93 -1.53 -44.53 -22.38
C ASP B 93 -0.07 -44.94 -22.22
N GLU B 94 0.76 -44.69 -23.24
CA GLU B 94 2.20 -44.96 -23.19
C GLU B 94 2.89 -43.99 -22.20
N TYR B 95 2.25 -42.86 -21.90
CA TYR B 95 2.81 -41.82 -21.03
C TYR B 95 2.12 -41.71 -19.68
N ASN B 96 2.80 -41.02 -18.75
CA ASN B 96 2.24 -40.74 -17.45
C ASN B 96 1.38 -39.47 -17.58
N SER B 97 0.04 -39.63 -17.40
CA SER B 97 -0.95 -38.55 -17.38
C SER B 97 -0.98 -37.69 -18.65
N ILE B 98 -1.28 -38.32 -19.79
CA ILE B 98 -1.42 -37.67 -21.08
C ILE B 98 -2.70 -38.05 -21.79
N PHE B 99 -3.40 -37.05 -22.36
CA PHE B 99 -4.57 -37.27 -23.25
C PHE B 99 -4.20 -36.60 -24.57
N ILE B 100 -4.58 -37.24 -25.69
CA ILE B 100 -4.25 -36.71 -27.02
C ILE B 100 -5.49 -36.69 -27.92
N SER B 101 -5.60 -35.63 -28.74
CA SER B 101 -6.61 -35.47 -29.80
C SER B 101 -5.80 -35.16 -31.07
N ASN B 102 -6.46 -35.15 -32.24
CA ASN B 102 -5.82 -34.87 -33.54
C ASN B 102 -5.21 -33.46 -33.63
N GLU B 103 -5.63 -32.55 -32.74
CA GLU B 103 -5.17 -31.15 -32.69
C GLU B 103 -4.04 -30.91 -31.67
N SER B 104 -3.73 -31.89 -30.81
CA SER B 104 -2.72 -31.76 -29.74
C SER B 104 -1.32 -31.32 -30.23
N TYR B 105 -0.79 -32.00 -31.24
CA TYR B 105 0.52 -31.69 -31.81
C TYR B 105 0.59 -30.23 -32.28
N THR B 106 -0.41 -29.78 -33.07
CA THR B 106 -0.44 -28.39 -33.60
C THR B 106 -0.51 -27.41 -32.45
N CYS B 107 -1.33 -27.70 -31.41
CA CYS B 107 -1.43 -26.82 -30.24
C CYS B 107 -0.10 -26.72 -29.49
N ALA B 108 0.59 -27.86 -29.29
CA ALA B 108 1.91 -27.89 -28.64
C ALA B 108 2.93 -27.05 -29.47
N LEU B 109 2.85 -27.13 -30.82
CA LEU B 109 3.71 -26.32 -31.71
C LEU B 109 3.41 -24.82 -31.55
N LEU B 110 2.11 -24.47 -31.46
CA LEU B 110 1.67 -23.07 -31.28
C LEU B 110 2.09 -22.51 -29.94
N ALA B 111 2.02 -23.33 -28.86
CA ALA B 111 2.46 -22.90 -27.55
C ALA B 111 3.96 -22.57 -27.56
N ALA B 112 4.76 -23.43 -28.20
CA ALA B 112 6.20 -23.25 -28.33
C ALA B 112 6.57 -22.03 -29.22
N GLY B 113 5.97 -21.93 -30.41
CA GLY B 113 6.23 -20.82 -31.33
C GLY B 113 5.86 -19.45 -30.78
N SER B 114 4.73 -19.38 -30.01
CA SER B 114 4.24 -18.16 -29.35
C SER B 114 5.28 -17.63 -28.39
N CYS B 115 5.89 -18.54 -27.60
CA CYS B 115 6.95 -18.17 -26.66
C CYS B 115 8.24 -17.79 -27.35
N PHE B 116 8.54 -18.44 -28.48
CA PHE B 116 9.74 -18.05 -29.25
C PHE B 116 9.59 -16.63 -29.79
N ASN B 117 8.40 -16.30 -30.34
CA ASN B 117 8.11 -14.95 -30.85
C ASN B 117 8.13 -13.93 -29.73
N SER B 118 7.75 -14.36 -28.50
CA SER B 118 7.80 -13.50 -27.33
C SER B 118 9.25 -13.24 -26.92
N ALA B 119 10.06 -14.31 -26.80
CA ALA B 119 11.48 -14.19 -26.43
C ALA B 119 12.21 -13.35 -27.48
N GLN B 120 11.85 -13.50 -28.77
CA GLN B 120 12.40 -12.72 -29.88
C GLN B 120 12.05 -11.22 -29.74
N ALA B 121 10.77 -10.90 -29.41
CA ALA B 121 10.35 -9.52 -29.22
C ALA B 121 11.09 -8.84 -28.07
N ILE B 122 11.38 -9.58 -27.00
CA ILE B 122 12.15 -9.04 -25.87
C ILE B 122 13.62 -8.81 -26.30
N LEU B 123 14.28 -9.85 -26.87
CA LEU B 123 15.71 -9.79 -27.20
C LEU B 123 16.05 -8.85 -28.36
N THR B 124 15.06 -8.55 -29.24
CA THR B 124 15.26 -7.56 -30.32
C THR B 124 14.92 -6.14 -29.83
N GLY B 125 14.44 -6.02 -28.59
CA GLY B 125 14.08 -4.75 -27.96
C GLY B 125 12.74 -4.19 -28.39
N GLN B 126 11.89 -5.00 -29.05
CA GLN B 126 10.54 -4.58 -29.46
C GLN B 126 9.68 -4.34 -28.19
N VAL B 127 9.83 -5.21 -27.17
CA VAL B 127 9.16 -5.09 -25.88
C VAL B 127 10.19 -5.30 -24.76
N ARG B 128 9.87 -4.89 -23.53
CA ARG B 128 10.74 -5.08 -22.37
C ARG B 128 10.45 -6.45 -21.77
N ASN B 129 9.17 -6.79 -21.67
CA ASN B 129 8.76 -8.04 -21.05
C ASN B 129 7.51 -8.57 -21.74
N ALA B 130 7.06 -9.81 -21.42
CA ALA B 130 5.90 -10.37 -22.10
C ALA B 130 5.22 -11.47 -21.32
N VAL B 131 3.95 -11.73 -21.70
CA VAL B 131 3.11 -12.79 -21.15
CA VAL B 131 3.13 -12.79 -21.15
C VAL B 131 2.64 -13.71 -22.28
N ALA B 132 2.67 -15.03 -22.06
CA ALA B 132 2.26 -16.00 -23.08
C ALA B 132 1.13 -16.86 -22.52
N ILE B 133 -0.11 -16.62 -23.00
CA ILE B 133 -1.32 -17.33 -22.59
C ILE B 133 -1.44 -18.56 -23.50
N VAL B 134 -0.74 -19.64 -23.10
CA VAL B 134 -0.59 -20.85 -23.94
C VAL B 134 -1.02 -22.14 -23.26
N ARG B 135 -1.40 -23.11 -24.08
CA ARG B 135 -1.72 -24.49 -23.66
C ARG B 135 -1.50 -25.38 -24.91
N PRO B 136 -1.15 -26.69 -24.76
CA PRO B 136 -0.92 -27.42 -23.51
C PRO B 136 0.36 -26.95 -22.79
N PRO B 137 0.46 -27.17 -21.45
CA PRO B 137 1.69 -26.76 -20.73
C PRO B 137 2.91 -27.55 -21.20
N GLY B 138 4.10 -27.22 -20.65
CA GLY B 138 5.30 -27.91 -21.11
C GLY B 138 6.33 -28.44 -20.13
N HIS B 139 6.34 -27.98 -18.86
CA HIS B 139 7.47 -28.25 -17.97
C HIS B 139 7.71 -29.73 -17.56
N HIS B 140 6.71 -30.63 -17.72
CA HIS B 140 6.93 -32.05 -17.46
C HIS B 140 7.50 -32.81 -18.67
N ALA B 141 7.44 -32.22 -19.88
CA ALA B 141 7.94 -32.93 -21.06
C ALA B 141 9.46 -33.11 -21.02
N GLU B 142 9.89 -34.35 -21.32
CA GLU B 142 11.29 -34.74 -21.28
C GLU B 142 11.83 -34.72 -22.71
N LYS B 143 13.15 -34.90 -22.87
CA LYS B 143 13.77 -34.93 -24.19
C LYS B 143 13.08 -36.00 -25.05
N ASP B 144 12.86 -37.18 -24.46
CA ASP B 144 12.32 -38.33 -25.18
C ASP B 144 10.87 -38.72 -24.86
N THR B 145 10.20 -38.07 -23.88
CA THR B 145 8.82 -38.48 -23.57
C THR B 145 7.87 -37.31 -23.23
N ALA B 146 6.55 -37.54 -23.42
CA ALA B 146 5.50 -36.60 -23.02
C ALA B 146 5.09 -37.00 -21.59
N CYS B 147 4.61 -36.06 -20.78
CA CYS B 147 4.27 -36.33 -19.36
C CYS B 147 3.41 -35.23 -18.79
N GLY B 148 2.54 -35.60 -17.83
CA GLY B 148 1.73 -34.64 -17.09
C GLY B 148 1.10 -33.50 -17.86
N PHE B 149 0.35 -33.85 -18.93
CA PHE B 149 -0.39 -32.94 -19.83
C PHE B 149 0.54 -32.14 -20.78
N CYS B 150 1.86 -32.43 -20.76
CA CYS B 150 2.89 -31.70 -21.53
C CYS B 150 3.45 -32.57 -22.65
N PHE B 151 3.57 -32.01 -23.85
CA PHE B 151 4.11 -32.71 -25.04
C PHE B 151 5.54 -32.30 -25.34
N PHE B 152 5.81 -30.98 -25.39
CA PHE B 152 7.14 -30.43 -25.65
C PHE B 152 7.41 -29.42 -24.55
N ASN B 153 8.69 -29.31 -24.16
CA ASN B 153 9.00 -28.45 -23.03
C ASN B 153 9.19 -27.01 -23.52
N THR B 154 8.05 -26.28 -23.63
CA THR B 154 7.94 -24.89 -24.09
C THR B 154 9.00 -23.96 -23.48
N ALA B 155 9.11 -23.92 -22.12
CA ALA B 155 10.07 -23.06 -21.40
C ALA B 155 11.52 -23.43 -21.70
N ALA B 156 11.85 -24.72 -21.62
CA ALA B 156 13.20 -25.22 -21.99
C ALA B 156 13.56 -24.90 -23.47
N LEU B 157 12.62 -25.12 -24.40
CA LEU B 157 12.81 -24.80 -25.83
C LEU B 157 13.02 -23.31 -26.03
N THR B 158 12.30 -22.46 -25.25
CA THR B 158 12.44 -20.99 -25.33
C THR B 158 13.84 -20.52 -24.88
N ALA B 159 14.40 -21.15 -23.82
CA ALA B 159 15.76 -20.83 -23.33
C ALA B 159 16.77 -21.18 -24.43
N ARG B 160 16.62 -22.36 -25.08
CA ARG B 160 17.52 -22.75 -26.18
C ARG B 160 17.32 -21.87 -27.43
N TYR B 161 16.06 -21.50 -27.73
CA TYR B 161 15.76 -20.60 -28.86
C TYR B 161 16.44 -19.23 -28.62
N ALA B 162 16.30 -18.68 -27.39
CA ALA B 162 16.90 -17.41 -27.01
C ALA B 162 18.42 -17.45 -27.21
N GLN B 163 19.07 -18.56 -26.77
CA GLN B 163 20.52 -18.76 -26.98
C GLN B 163 20.87 -18.86 -28.48
N SER B 164 19.98 -19.48 -29.28
CA SER B 164 20.20 -19.62 -30.74
C SER B 164 20.19 -18.30 -31.54
N ILE B 165 19.62 -17.23 -30.97
CA ILE B 165 19.54 -15.91 -31.65
C ILE B 165 20.45 -14.86 -30.99
N THR B 166 21.18 -15.25 -29.94
CA THR B 166 22.12 -14.33 -29.26
C THR B 166 23.48 -15.02 -29.19
N ARG B 167 23.70 -15.85 -28.16
CA ARG B 167 24.90 -16.66 -27.97
C ARG B 167 24.58 -17.90 -27.14
N GLU B 168 25.27 -19.01 -27.44
CA GLU B 168 25.10 -20.30 -26.74
C GLU B 168 25.17 -20.14 -25.21
N SER B 169 26.05 -19.23 -24.71
CA SER B 169 26.25 -19.02 -23.29
C SER B 169 25.30 -17.98 -22.65
N LEU B 170 24.28 -17.48 -23.41
CA LEU B 170 23.30 -16.52 -22.86
C LEU B 170 22.76 -17.08 -21.54
N ARG B 171 22.90 -16.30 -20.45
CA ARG B 171 22.45 -16.75 -19.14
C ARG B 171 20.94 -16.62 -19.02
N VAL B 172 20.27 -17.77 -18.90
CA VAL B 172 18.81 -17.80 -18.80
C VAL B 172 18.43 -18.36 -17.44
N LEU B 173 17.55 -17.63 -16.74
CA LEU B 173 17.01 -18.12 -15.48
C LEU B 173 15.59 -18.56 -15.75
N ILE B 174 15.27 -19.82 -15.32
CA ILE B 174 13.93 -20.34 -15.40
C ILE B 174 13.42 -20.46 -13.95
N VAL B 175 12.40 -19.66 -13.60
CA VAL B 175 11.76 -19.77 -12.29
C VAL B 175 10.46 -20.53 -12.57
N ASP B 176 10.29 -21.68 -11.96
CA ASP B 176 9.13 -22.53 -12.18
C ASP B 176 8.25 -22.48 -10.91
N TRP B 177 7.17 -21.68 -10.92
CA TRP B 177 6.35 -21.53 -9.72
C TRP B 177 5.03 -22.32 -9.79
N ASP B 178 4.91 -23.16 -10.84
CA ASP B 178 3.82 -24.12 -10.96
C ASP B 178 3.96 -25.01 -9.70
N VAL B 179 2.84 -25.42 -9.09
CA VAL B 179 2.89 -26.23 -7.88
C VAL B 179 3.60 -27.59 -8.07
N HIS B 180 3.76 -28.03 -9.33
CA HIS B 180 4.41 -29.31 -9.63
C HIS B 180 5.85 -29.07 -10.03
N HIS B 181 6.72 -30.05 -9.72
CA HIS B 181 8.12 -29.95 -10.14
C HIS B 181 8.23 -30.07 -11.68
N GLY B 182 9.01 -29.18 -12.32
CA GLY B 182 9.25 -29.29 -13.75
C GLY B 182 10.34 -30.31 -14.00
N ASN B 183 10.03 -31.62 -13.83
CA ASN B 183 10.99 -32.74 -14.03
C ASN B 183 11.78 -32.63 -15.36
N GLY B 184 11.07 -32.33 -16.46
CA GLY B 184 11.67 -32.26 -17.79
C GLY B 184 12.64 -31.10 -17.90
N THR B 185 12.25 -29.91 -17.39
CA THR B 185 13.14 -28.74 -17.40
C THR B 185 14.42 -29.03 -16.60
N GLN B 186 14.27 -29.62 -15.40
CA GLN B 186 15.42 -29.98 -14.59
C GLN B 186 16.38 -30.87 -15.41
N HIS B 187 15.85 -32.00 -15.95
CA HIS B 187 16.64 -32.97 -16.72
C HIS B 187 17.31 -32.36 -17.92
N ILE B 188 16.56 -31.56 -18.69
CA ILE B 188 17.11 -30.93 -19.89
C ILE B 188 18.35 -30.08 -19.56
N PHE B 189 18.32 -29.35 -18.42
CA PHE B 189 19.46 -28.46 -18.10
C PHE B 189 20.33 -28.90 -16.93
N GLU B 190 20.18 -30.18 -16.48
CA GLU B 190 20.87 -30.71 -15.30
C GLU B 190 22.40 -30.54 -15.33
N GLU B 191 23.02 -30.72 -16.50
CA GLU B 191 24.47 -30.59 -16.64
C GLU B 191 24.85 -29.24 -17.29
N ASP B 192 23.96 -28.23 -17.17
CA ASP B 192 24.12 -26.93 -17.82
C ASP B 192 24.23 -25.75 -16.85
N ASP B 193 25.32 -24.95 -16.95
CA ASP B 193 25.53 -23.77 -16.10
C ASP B 193 25.05 -22.44 -16.75
N SER B 194 24.57 -22.51 -18.00
CA SER B 194 24.07 -21.33 -18.71
C SER B 194 22.56 -21.17 -18.45
N VAL B 195 21.90 -22.23 -17.97
CA VAL B 195 20.48 -22.21 -17.69
C VAL B 195 20.26 -22.60 -16.20
N LEU B 196 19.91 -21.61 -15.38
CA LEU B 196 19.66 -21.81 -13.95
C LEU B 196 18.20 -22.13 -13.80
N TYR B 197 17.91 -23.31 -13.25
CA TYR B 197 16.56 -23.78 -13.06
C TYR B 197 16.20 -23.69 -11.58
N ILE B 198 15.17 -22.91 -11.23
CA ILE B 198 14.71 -22.76 -9.84
C ILE B 198 13.23 -23.14 -9.78
N SER B 199 12.90 -24.19 -9.01
CA SER B 199 11.54 -24.65 -8.93
C SER B 199 11.07 -24.65 -7.49
N LEU B 200 9.85 -24.18 -7.29
CA LEU B 200 9.16 -24.26 -6.01
C LEU B 200 8.05 -25.21 -6.30
N HIS B 201 7.86 -26.23 -5.46
CA HIS B 201 6.83 -27.23 -5.76
C HIS B 201 6.42 -28.02 -4.56
N ARG B 202 5.14 -28.43 -4.57
CA ARG B 202 4.65 -29.33 -3.54
C ARG B 202 5.33 -30.69 -3.79
N TYR B 203 5.87 -31.29 -2.73
CA TYR B 203 6.63 -32.54 -2.87
C TYR B 203 6.02 -33.68 -2.07
N GLU B 204 5.76 -33.45 -0.78
CA GLU B 204 5.17 -34.45 0.11
C GLU B 204 5.98 -35.75 0.13
N ASP B 205 7.33 -35.64 0.17
CA ASP B 205 8.24 -36.80 0.19
C ASP B 205 8.01 -37.78 -0.98
N GLY B 206 7.53 -37.25 -2.11
CA GLY B 206 7.27 -38.02 -3.32
C GLY B 206 5.83 -38.47 -3.49
N ALA B 207 4.91 -38.04 -2.59
CA ALA B 207 3.49 -38.45 -2.74
C ALA B 207 2.78 -37.55 -3.76
N PHE B 208 3.36 -36.36 -4.04
CA PHE B 208 2.76 -35.43 -4.96
C PHE B 208 3.36 -35.58 -6.37
N PHE B 209 2.50 -35.48 -7.40
CA PHE B 209 2.91 -35.60 -8.80
C PHE B 209 4.09 -34.60 -9.11
N PRO B 210 5.17 -35.02 -9.82
CA PRO B 210 5.37 -36.31 -10.52
C PRO B 210 5.94 -37.50 -9.74
N ASN B 211 5.87 -37.50 -8.40
CA ASN B 211 6.18 -38.65 -7.54
C ASN B 211 7.62 -39.21 -7.63
N SER B 212 8.59 -38.33 -7.85
CA SER B 212 9.99 -38.71 -7.96
C SER B 212 10.87 -37.94 -6.97
N GLU B 213 11.90 -38.60 -6.42
CA GLU B 213 12.89 -37.96 -5.53
C GLU B 213 13.78 -36.96 -6.29
N ASP B 214 13.63 -36.90 -7.65
CA ASP B 214 14.34 -35.94 -8.50
C ASP B 214 13.99 -34.51 -8.12
N ALA B 215 12.78 -34.32 -7.50
CA ALA B 215 12.27 -33.03 -7.04
C ALA B 215 12.81 -32.58 -5.68
N ASN B 216 13.61 -33.42 -4.98
CA ASN B 216 14.09 -33.06 -3.65
C ASN B 216 15.19 -32.00 -3.70
N TYR B 217 15.40 -31.29 -2.57
CA TYR B 217 16.36 -30.20 -2.41
C TYR B 217 17.83 -30.59 -2.68
N ASP B 218 18.17 -31.89 -2.51
CA ASP B 218 19.54 -32.40 -2.70
C ASP B 218 19.93 -32.65 -4.17
N LYS B 219 18.99 -32.43 -5.12
CA LYS B 219 19.30 -32.57 -6.55
C LYS B 219 19.73 -31.16 -6.98
N VAL B 220 21.05 -30.93 -6.96
CA VAL B 220 21.66 -29.60 -7.16
C VAL B 220 22.26 -29.40 -8.57
N GLY B 221 22.09 -30.40 -9.43
CA GLY B 221 22.65 -30.39 -10.77
C GLY B 221 23.83 -31.34 -10.87
N LEU B 222 24.30 -31.60 -12.10
CA LEU B 222 25.41 -32.53 -12.35
C LEU B 222 26.56 -31.89 -13.10
N GLY B 223 27.77 -32.32 -12.78
CA GLY B 223 29.01 -31.84 -13.41
C GLY B 223 29.14 -30.34 -13.38
N LYS B 224 29.26 -29.69 -14.56
CA LYS B 224 29.38 -28.23 -14.65
C LYS B 224 28.09 -27.51 -14.22
N GLY B 225 26.97 -28.25 -14.22
CA GLY B 225 25.67 -27.77 -13.76
C GLY B 225 25.46 -27.81 -12.25
N ARG B 226 26.48 -28.22 -11.48
CA ARG B 226 26.38 -28.28 -10.02
C ARG B 226 26.15 -26.88 -9.44
N GLY B 227 25.04 -26.75 -8.73
CA GLY B 227 24.58 -25.49 -8.16
C GLY B 227 23.59 -24.76 -9.05
N TYR B 228 23.39 -25.23 -10.31
CA TYR B 228 22.49 -24.56 -11.27
C TYR B 228 21.08 -25.21 -11.33
N ASN B 229 20.77 -26.07 -10.35
CA ASN B 229 19.45 -26.69 -10.23
C ASN B 229 19.02 -26.51 -8.79
N VAL B 230 17.99 -25.68 -8.56
CA VAL B 230 17.52 -25.32 -7.22
C VAL B 230 16.05 -25.79 -7.04
N ASN B 231 15.86 -26.84 -6.24
CA ASN B 231 14.53 -27.37 -5.91
C ASN B 231 14.18 -26.92 -4.52
N ILE B 232 13.00 -26.28 -4.39
CA ILE B 232 12.45 -25.79 -3.14
C ILE B 232 11.18 -26.63 -2.90
N PRO B 233 11.32 -27.79 -2.20
CA PRO B 233 10.18 -28.71 -2.08
C PRO B 233 9.36 -28.48 -0.81
N TRP B 234 8.01 -28.41 -0.93
CA TRP B 234 7.14 -28.21 0.23
C TRP B 234 6.59 -29.53 0.72
N ASN B 235 6.55 -29.70 2.05
CA ASN B 235 6.03 -30.91 2.69
C ASN B 235 5.15 -30.52 3.85
N GLY B 236 4.15 -31.35 4.13
CA GLY B 236 3.20 -31.23 5.24
C GLY B 236 2.71 -29.86 5.62
N GLY B 237 1.87 -29.29 4.78
CA GLY B 237 1.33 -27.95 4.98
C GLY B 237 0.81 -27.30 3.70
N LYS B 238 -0.29 -26.55 3.87
CA LYS B 238 -0.98 -25.81 2.81
C LYS B 238 -0.25 -24.48 2.78
N MET B 239 0.72 -24.36 1.84
CA MET B 239 1.54 -23.17 1.73
C MET B 239 0.81 -22.06 0.98
N GLY B 240 1.13 -20.81 1.31
CA GLY B 240 0.56 -19.65 0.68
C GLY B 240 1.58 -18.53 0.51
N ASP B 241 1.12 -17.29 0.45
CA ASP B 241 1.96 -16.10 0.30
C ASP B 241 3.12 -16.00 1.30
N PRO B 242 2.97 -16.20 2.64
CA PRO B 242 4.15 -16.06 3.54
C PRO B 242 5.32 -16.96 3.14
N GLU B 243 5.04 -18.22 2.82
CA GLU B 243 6.02 -19.25 2.43
C GLU B 243 6.69 -18.94 1.10
N TYR B 244 5.88 -18.52 0.10
CA TYR B 244 6.42 -18.17 -1.21
C TYR B 244 7.24 -16.89 -1.17
N MET B 245 6.78 -15.91 -0.38
CA MET B 245 7.53 -14.65 -0.21
C MET B 245 8.88 -14.96 0.47
N ALA B 246 8.88 -15.86 1.49
CA ALA B 246 10.09 -16.23 2.22
C ALA B 246 11.08 -16.98 1.33
N ALA B 247 10.58 -17.91 0.49
CA ALA B 247 11.41 -18.67 -0.44
C ALA B 247 12.12 -17.71 -1.43
N PHE B 248 11.39 -16.70 -1.93
CA PHE B 248 11.95 -15.66 -2.79
C PHE B 248 12.97 -14.79 -2.04
N HIS B 249 12.71 -14.43 -0.76
CA HIS B 249 13.60 -13.60 0.04
C HIS B 249 14.93 -14.29 0.35
N HIS B 250 14.87 -15.54 0.82
CA HIS B 250 16.05 -16.28 1.25
C HIS B 250 16.75 -17.06 0.15
N LEU B 251 16.04 -17.47 -0.90
CA LEU B 251 16.65 -18.31 -1.92
C LEU B 251 16.57 -17.80 -3.36
N VAL B 252 15.35 -17.62 -3.91
CA VAL B 252 15.16 -17.28 -5.34
C VAL B 252 15.91 -16.01 -5.74
N MET B 253 15.69 -14.92 -5.00
CA MET B 253 16.31 -13.63 -5.34
C MET B 253 17.84 -13.57 -5.05
N PRO B 254 18.39 -14.08 -3.91
CA PRO B 254 19.86 -14.01 -3.74
C PRO B 254 20.62 -14.83 -4.80
N ILE B 255 20.11 -16.03 -5.14
CA ILE B 255 20.74 -16.90 -6.15
C ILE B 255 20.65 -16.26 -7.52
N ALA B 256 19.45 -15.77 -7.89
CA ALA B 256 19.20 -15.10 -9.19
C ALA B 256 20.08 -13.86 -9.40
N ARG B 257 20.27 -13.04 -8.34
CA ARG B 257 21.13 -11.86 -8.42
C ARG B 257 22.61 -12.24 -8.63
N GLU B 258 23.06 -13.32 -7.97
CA GLU B 258 24.45 -13.81 -8.12
C GLU B 258 24.66 -14.37 -9.56
N PHE B 259 23.68 -15.12 -10.07
CA PHE B 259 23.71 -15.67 -11.41
C PHE B 259 23.72 -14.58 -12.50
N ALA B 260 23.04 -13.43 -12.24
CA ALA B 260 22.93 -12.27 -13.16
C ALA B 260 22.39 -12.73 -14.55
N PRO B 261 21.11 -13.16 -14.61
CA PRO B 261 20.56 -13.64 -15.88
C PRO B 261 20.38 -12.52 -16.88
N GLU B 262 20.41 -12.89 -18.16
CA GLU B 262 20.24 -11.96 -19.27
C GLU B 262 18.82 -12.08 -19.79
N LEU B 263 18.09 -13.09 -19.29
CA LEU B 263 16.70 -13.34 -19.65
C LEU B 263 16.08 -14.17 -18.56
N VAL B 264 14.86 -13.81 -18.16
CA VAL B 264 14.13 -14.58 -17.15
C VAL B 264 12.89 -15.15 -17.80
N LEU B 265 12.71 -16.47 -17.69
CA LEU B 265 11.53 -17.17 -18.15
C LEU B 265 10.83 -17.66 -16.91
N VAL B 266 9.52 -17.43 -16.84
CA VAL B 266 8.73 -17.95 -15.71
C VAL B 266 7.88 -19.09 -16.22
N SER B 267 8.08 -20.29 -15.66
CA SER B 267 7.18 -21.42 -15.91
C SER B 267 6.08 -21.16 -14.87
N ALA B 268 5.11 -20.34 -15.29
CA ALA B 268 4.05 -19.81 -14.47
C ALA B 268 2.77 -20.61 -14.48
N GLY B 269 2.78 -21.68 -13.70
CA GLY B 269 1.57 -22.43 -13.45
C GLY B 269 0.89 -21.66 -12.32
N PHE B 270 -0.43 -21.61 -12.33
CA PHE B 270 -1.20 -20.94 -11.29
C PHE B 270 -1.99 -21.95 -10.47
N ASP B 271 -1.40 -23.15 -10.30
CA ASP B 271 -2.00 -24.24 -9.54
C ASP B 271 -1.59 -24.26 -8.08
N ALA B 272 -0.72 -23.30 -7.65
CA ALA B 272 -0.44 -23.16 -6.21
C ALA B 272 -1.43 -22.09 -5.68
N ALA B 273 -2.35 -21.63 -6.53
CA ALA B 273 -3.30 -20.60 -6.18
C ALA B 273 -4.43 -21.10 -5.27
N ARG B 274 -4.94 -20.16 -4.46
CA ARG B 274 -6.12 -20.35 -3.59
C ARG B 274 -7.28 -20.76 -4.55
N GLY B 275 -7.96 -21.86 -4.23
CA GLY B 275 -9.06 -22.42 -5.02
C GLY B 275 -8.68 -23.54 -6.01
N ASP B 276 -7.37 -23.74 -6.24
CA ASP B 276 -6.94 -24.78 -7.20
C ASP B 276 -7.30 -26.17 -6.67
N PRO B 277 -8.05 -26.99 -7.44
CA PRO B 277 -8.45 -28.31 -6.94
C PRO B 277 -7.32 -29.35 -6.91
N LEU B 278 -6.27 -29.15 -7.70
CA LEU B 278 -5.13 -30.09 -7.77
C LEU B 278 -3.99 -29.71 -6.82
N GLY B 279 -3.73 -28.41 -6.69
CA GLY B 279 -2.64 -27.89 -5.88
C GLY B 279 -2.79 -27.98 -4.38
N GLY B 280 -3.97 -27.60 -3.87
CA GLY B 280 -4.25 -27.58 -2.43
C GLY B 280 -3.54 -26.45 -1.68
N PHE B 281 -2.95 -25.49 -2.41
CA PHE B 281 -2.23 -24.36 -1.83
C PHE B 281 -3.06 -23.07 -1.83
N GLN B 282 -2.51 -21.98 -1.27
CA GLN B 282 -3.25 -20.74 -1.08
C GLN B 282 -2.54 -19.47 -1.50
N VAL B 283 -1.73 -19.52 -2.57
CA VAL B 283 -1.08 -18.30 -3.09
C VAL B 283 -2.19 -17.39 -3.67
N THR B 284 -2.18 -16.11 -3.30
CA THR B 284 -3.23 -15.17 -3.73
C THR B 284 -2.83 -14.48 -5.04
N PRO B 285 -3.78 -13.82 -5.77
CA PRO B 285 -3.37 -13.06 -6.98
C PRO B 285 -2.35 -11.98 -6.62
N GLU B 286 -2.46 -11.39 -5.40
CA GLU B 286 -1.52 -10.40 -4.88
C GLU B 286 -0.13 -11.01 -4.63
N GLY B 287 -0.11 -12.27 -4.17
CA GLY B 287 1.11 -13.04 -3.98
C GLY B 287 1.87 -13.20 -5.28
N TYR B 288 1.17 -13.62 -6.35
CA TYR B 288 1.78 -13.77 -7.69
C TYR B 288 2.27 -12.41 -8.23
N ALA B 289 1.53 -11.33 -7.94
CA ALA B 289 1.93 -9.97 -8.34
C ALA B 289 3.26 -9.61 -7.68
N HIS B 290 3.44 -9.93 -6.38
CA HIS B 290 4.69 -9.67 -5.66
C HIS B 290 5.85 -10.51 -6.19
N LEU B 291 5.62 -11.79 -6.50
CA LEU B 291 6.67 -12.66 -7.09
C LEU B 291 7.13 -12.09 -8.43
N THR B 292 6.15 -11.64 -9.29
CA THR B 292 6.44 -11.07 -10.61
C THR B 292 7.27 -9.79 -10.47
N HIS B 293 6.84 -8.91 -9.55
CA HIS B 293 7.49 -7.63 -9.31
C HIS B 293 8.96 -7.86 -8.91
N GLN B 294 9.21 -8.89 -8.05
CA GLN B 294 10.57 -9.23 -7.63
C GLN B 294 11.42 -9.66 -8.84
N LEU B 295 10.87 -10.54 -9.70
CA LEU B 295 11.60 -11.00 -10.88
C LEU B 295 11.92 -9.90 -11.87
N MET B 296 11.08 -8.85 -11.91
CA MET B 296 11.30 -7.69 -12.79
C MET B 296 12.58 -6.90 -12.48
N SER B 297 13.14 -7.04 -11.24
CA SER B 297 14.42 -6.38 -10.86
C SER B 297 15.63 -7.09 -11.49
N LEU B 298 15.43 -8.24 -12.14
CA LEU B 298 16.51 -9.01 -12.78
C LEU B 298 16.54 -8.77 -14.28
N ALA B 299 17.71 -9.09 -14.92
CA ALA B 299 17.93 -9.10 -16.38
C ALA B 299 17.46 -7.83 -17.09
N ALA B 300 17.58 -6.66 -16.42
CA ALA B 300 17.11 -5.35 -16.91
C ALA B 300 15.61 -5.40 -17.30
N GLY B 301 14.84 -6.18 -16.52
CA GLY B 301 13.41 -6.37 -16.70
C GLY B 301 12.99 -7.31 -17.81
N ARG B 302 13.95 -8.03 -18.42
CA ARG B 302 13.64 -8.99 -19.53
C ARG B 302 13.03 -10.26 -18.96
N VAL B 303 11.71 -10.24 -18.77
CA VAL B 303 10.92 -11.34 -18.16
C VAL B 303 9.85 -11.82 -19.13
N LEU B 304 9.75 -13.14 -19.32
CA LEU B 304 8.69 -13.74 -20.12
C LEU B 304 7.94 -14.72 -19.22
N ILE B 305 6.63 -14.47 -19.03
CA ILE B 305 5.76 -15.30 -18.19
C ILE B 305 5.02 -16.28 -19.08
N ILE B 306 5.29 -17.57 -18.88
CA ILE B 306 4.69 -18.64 -19.69
C ILE B 306 3.71 -19.45 -18.84
N LEU B 307 2.45 -19.50 -19.27
CA LEU B 307 1.44 -20.30 -18.56
C LEU B 307 1.79 -21.81 -18.56
N GLU B 308 1.76 -22.46 -17.39
CA GLU B 308 1.97 -23.90 -17.22
C GLU B 308 0.63 -24.49 -16.78
N GLY B 309 0.53 -24.96 -15.54
CA GLY B 309 -0.73 -25.47 -14.98
C GLY B 309 -1.59 -24.42 -14.32
N GLY B 310 -2.57 -24.87 -13.54
CA GLY B 310 -3.52 -23.99 -12.88
C GLY B 310 -4.88 -24.27 -13.46
N TYR B 311 -5.80 -24.71 -12.60
CA TYR B 311 -7.07 -25.33 -13.01
C TYR B 311 -8.36 -24.70 -12.46
N ASN B 312 -8.26 -23.77 -11.52
CA ASN B 312 -9.46 -23.08 -11.11
C ASN B 312 -9.50 -21.87 -12.06
N LEU B 313 -10.51 -21.85 -12.97
CA LEU B 313 -10.64 -20.84 -14.02
C LEU B 313 -10.64 -19.39 -13.52
N THR B 314 -11.34 -19.13 -12.41
CA THR B 314 -11.37 -17.76 -11.85
C THR B 314 -9.99 -17.42 -11.25
N SER B 315 -9.40 -18.38 -10.51
CA SER B 315 -8.09 -18.19 -9.85
CA SER B 315 -8.11 -18.21 -9.85
C SER B 315 -6.98 -17.92 -10.82
N ILE B 316 -6.88 -18.71 -11.91
CA ILE B 316 -5.81 -18.52 -12.92
C ILE B 316 -5.98 -17.20 -13.68
N SER B 317 -7.25 -16.83 -13.97
CA SER B 317 -7.58 -15.61 -14.74
C SER B 317 -7.17 -14.39 -13.95
N GLU B 318 -7.49 -14.36 -12.64
CA GLU B 318 -7.14 -13.25 -11.76
C GLU B 318 -5.63 -13.18 -11.51
N SER B 319 -5.00 -14.32 -11.20
CA SER B 319 -3.57 -14.43 -10.88
C SER B 319 -2.69 -14.04 -12.04
N MET B 320 -2.94 -14.61 -13.26
CA MET B 320 -2.14 -14.27 -14.44
C MET B 320 -2.33 -12.81 -14.84
N SER B 321 -3.59 -12.27 -14.80
CA SER B 321 -3.87 -10.86 -15.12
CA SER B 321 -3.85 -10.87 -15.13
C SER B 321 -3.08 -9.94 -14.19
N MET B 322 -2.93 -10.35 -12.91
CA MET B 322 -2.17 -9.61 -11.90
C MET B 322 -0.71 -9.58 -12.27
N CYS B 323 -0.21 -10.69 -12.85
CA CYS B 323 1.18 -10.74 -13.31
C CYS B 323 1.43 -9.77 -14.45
N THR B 324 0.51 -9.71 -15.42
CA THR B 324 0.57 -8.80 -16.57
C THR B 324 0.55 -7.34 -16.08
N SER B 325 -0.30 -7.04 -15.08
CA SER B 325 -0.42 -5.72 -14.46
C SER B 325 0.95 -5.28 -13.91
N MET B 326 1.68 -6.21 -13.27
CA MET B 326 3.01 -5.90 -12.75
C MET B 326 3.99 -5.63 -13.88
N LEU B 327 3.98 -6.49 -14.93
CA LEU B 327 4.85 -6.28 -16.10
C LEU B 327 4.60 -4.92 -16.76
N LEU B 328 3.34 -4.45 -16.76
CA LEU B 328 2.95 -3.15 -17.33
C LEU B 328 3.42 -1.96 -16.45
N GLY B 329 3.98 -2.25 -15.28
CA GLY B 329 4.52 -1.22 -14.39
C GLY B 329 3.59 -0.76 -13.29
N ASP B 330 2.42 -1.44 -13.10
CA ASP B 330 1.47 -1.04 -12.05
C ASP B 330 2.04 -1.30 -10.67
N SER B 331 1.66 -0.46 -9.70
CA SER B 331 2.15 -0.57 -8.32
C SER B 331 1.78 -1.93 -7.70
N PRO B 332 2.77 -2.61 -7.06
CA PRO B 332 2.46 -3.89 -6.39
C PRO B 332 1.45 -3.71 -5.25
N PRO B 333 0.77 -4.82 -4.88
CA PRO B 333 -0.22 -4.78 -3.76
C PRO B 333 0.17 -4.05 -2.48
N THR B 339 2.17 -13.12 7.63
CA THR B 339 2.15 -13.96 8.83
C THR B 339 3.41 -14.83 9.02
N PRO B 340 3.70 -15.36 10.25
CA PRO B 340 4.81 -16.31 10.41
C PRO B 340 4.57 -17.58 9.57
N LEU B 341 5.65 -18.25 9.13
CA LEU B 341 5.57 -19.41 8.24
C LEU B 341 5.22 -20.68 8.93
N LYS B 342 4.68 -21.64 8.14
CA LYS B 342 4.40 -23.00 8.60
C LYS B 342 5.78 -23.57 8.92
N THR B 343 5.90 -24.29 10.07
CA THR B 343 7.18 -24.84 10.54
C THR B 343 7.91 -25.68 9.50
N SER B 344 7.16 -26.50 8.73
CA SER B 344 7.77 -27.35 7.67
C SER B 344 8.33 -26.52 6.51
N ALA B 345 7.81 -25.31 6.27
CA ALA B 345 8.30 -24.41 5.22
C ALA B 345 9.67 -23.85 5.62
N THR B 346 9.89 -23.57 6.95
CA THR B 346 11.19 -23.13 7.47
C THR B 346 12.18 -24.30 7.29
N VAL B 347 11.73 -25.54 7.57
CA VAL B 347 12.52 -26.76 7.39
C VAL B 347 12.96 -26.88 5.92
N SER B 348 12.01 -26.70 4.98
CA SER B 348 12.30 -26.73 3.54
C SER B 348 13.30 -25.68 3.11
N ILE B 349 13.08 -24.41 3.50
CA ILE B 349 13.97 -23.30 3.13
C ILE B 349 15.39 -23.57 3.62
N ASN B 350 15.53 -23.98 4.89
CA ASN B 350 16.82 -24.29 5.52
C ASN B 350 17.53 -25.47 4.84
N ASN B 351 16.77 -26.50 4.40
CA ASN B 351 17.36 -27.64 3.67
C ASN B 351 17.97 -27.17 2.35
N VAL B 352 17.27 -26.28 1.61
CA VAL B 352 17.75 -25.75 0.34
C VAL B 352 18.98 -24.88 0.59
N LEU B 353 18.94 -24.01 1.61
CA LEU B 353 20.07 -23.14 1.98
C LEU B 353 21.32 -23.98 2.25
N ARG B 354 21.19 -25.10 3.02
CA ARG B 354 22.31 -26.01 3.31
C ARG B 354 22.85 -26.69 2.04
N ALA B 355 21.95 -27.03 1.11
CA ALA B 355 22.30 -27.70 -0.13
C ALA B 355 23.00 -26.77 -1.12
N HIS B 356 22.58 -25.50 -1.17
CA HIS B 356 23.12 -24.53 -2.12
C HIS B 356 24.15 -23.54 -1.59
N ALA B 357 24.40 -23.46 -0.27
CA ALA B 357 25.46 -22.57 0.28
C ALA B 357 26.85 -22.88 -0.34
N PRO B 358 27.26 -24.16 -0.64
CA PRO B 358 28.58 -24.37 -1.26
C PRO B 358 28.76 -23.77 -2.66
N PHE B 359 27.66 -23.48 -3.37
CA PHE B 359 27.72 -22.97 -4.75
C PHE B 359 27.41 -21.48 -4.94
N TRP B 360 26.79 -20.85 -3.92
CA TRP B 360 26.39 -19.45 -4.00
C TRP B 360 26.89 -18.66 -2.81
N SER B 361 27.82 -17.69 -3.05
CA SER B 361 28.41 -16.87 -1.99
C SER B 361 27.38 -16.01 -1.22
N SER B 362 26.27 -15.61 -1.88
CA SER B 362 25.22 -14.81 -1.26
C SER B 362 24.45 -15.56 -0.16
N LEU B 363 24.51 -16.90 -0.19
CA LEU B 363 23.87 -17.77 0.81
C LEU B 363 24.80 -18.11 2.00
N ARG B 364 26.08 -17.72 1.92
CA ARG B 364 27.09 -17.95 2.97
C ARG B 364 27.27 -16.69 3.83
N PRO C 8 -5.25 10.93 -6.22
CA PRO C 8 -6.47 10.36 -5.63
C PRO C 8 -6.58 10.57 -4.12
N ILE C 9 -7.47 11.49 -3.70
CA ILE C 9 -7.69 11.78 -2.29
C ILE C 9 -9.19 11.81 -1.97
N THR C 10 -9.53 11.42 -0.74
CA THR C 10 -10.88 11.38 -0.20
C THR C 10 -11.10 12.57 0.73
N GLY C 11 -12.17 13.31 0.48
CA GLY C 11 -12.59 14.40 1.33
C GLY C 11 -13.52 13.89 2.44
N LEU C 12 -13.55 14.60 3.56
CA LEU C 12 -14.43 14.28 4.68
C LEU C 12 -14.95 15.56 5.31
N VAL C 13 -16.27 15.64 5.50
CA VAL C 13 -16.86 16.78 6.21
C VAL C 13 -17.65 16.28 7.42
N TYR C 14 -17.38 16.90 8.58
CA TYR C 14 -18.05 16.64 9.85
C TYR C 14 -17.97 17.89 10.69
N ASP C 15 -19.10 18.30 11.27
CA ASP C 15 -19.13 19.45 12.16
C ASP C 15 -20.03 19.12 13.32
N GLN C 16 -19.50 19.18 14.57
CA GLN C 16 -20.26 18.86 15.78
C GLN C 16 -21.46 19.80 16.02
N ARG C 17 -21.50 20.97 15.35
CA ARG C 17 -22.63 21.91 15.48
C ARG C 17 -23.93 21.27 14.98
N MET C 18 -23.85 20.28 14.06
CA MET C 18 -25.01 19.55 13.55
C MET C 18 -25.66 18.64 14.62
N MET C 19 -25.02 18.49 15.79
CA MET C 19 -25.56 17.72 16.92
C MET C 19 -26.59 18.56 17.70
N LEU C 20 -26.61 19.90 17.51
CA LEU C 20 -27.49 20.80 18.26
C LEU C 20 -28.99 20.56 18.00
N HIS C 21 -29.37 20.09 16.80
CA HIS C 21 -30.74 19.73 16.44
C HIS C 21 -31.15 18.54 17.34
N HIS C 22 -32.20 18.73 18.15
CA HIS C 22 -32.62 17.68 19.08
C HIS C 22 -34.12 17.64 19.29
N ASN C 23 -34.61 16.55 19.92
CA ASN C 23 -36.01 16.38 20.25
C ASN C 23 -36.17 16.67 21.74
N MET C 24 -36.68 17.88 22.05
CA MET C 24 -36.84 18.34 23.44
C MET C 24 -37.93 17.58 24.23
N TRP C 25 -38.85 16.88 23.53
CA TRP C 25 -39.94 16.13 24.17
C TRP C 25 -39.60 14.64 24.34
N ASP C 26 -38.81 14.08 23.40
CA ASP C 26 -38.38 12.68 23.45
C ASP C 26 -36.87 12.59 23.16
N SER C 27 -36.04 12.62 24.22
CA SER C 27 -34.57 12.55 24.11
C SER C 27 -34.07 11.21 23.54
N HIS C 28 -34.95 10.17 23.50
CA HIS C 28 -34.63 8.84 22.97
C HIS C 28 -35.06 8.65 21.52
N HIS C 29 -35.57 9.71 20.85
CA HIS C 29 -35.98 9.60 19.43
C HIS C 29 -34.76 9.05 18.65
N PRO C 30 -34.94 8.02 17.78
CA PRO C 30 -33.76 7.42 17.11
C PRO C 30 -32.86 8.34 16.30
N GLU C 31 -33.39 9.47 15.77
CA GLU C 31 -32.56 10.41 15.00
C GLU C 31 -31.79 11.30 15.99
N LEU C 32 -30.82 10.67 16.67
CA LEU C 32 -30.01 11.22 17.74
C LEU C 32 -28.87 12.12 17.32
N PRO C 33 -28.57 13.16 18.14
CA PRO C 33 -27.35 13.97 17.89
C PRO C 33 -26.07 13.12 17.78
N GLN C 34 -25.94 12.07 18.63
CA GLN C 34 -24.76 11.20 18.67
C GLN C 34 -24.62 10.27 17.44
N ARG C 35 -25.56 10.29 16.49
CA ARG C 35 -25.40 9.48 15.26
C ARG C 35 -24.11 9.92 14.52
N ILE C 36 -23.96 11.23 14.35
CA ILE C 36 -22.82 11.77 13.63
C ILE C 36 -21.52 11.74 14.45
N SER C 37 -21.57 12.00 15.78
CA SER C 37 -20.37 11.97 16.63
C SER C 37 -19.81 10.55 16.77
N ARG C 38 -20.70 9.53 16.82
CA ARG C 38 -20.27 8.13 16.86
C ARG C 38 -19.60 7.72 15.54
N ILE C 39 -20.18 8.12 14.37
CA ILE C 39 -19.58 7.80 13.07
C ILE C 39 -18.19 8.45 12.98
N PHE C 40 -18.09 9.74 13.36
CA PHE C 40 -16.84 10.49 13.34
C PHE C 40 -15.79 9.81 14.26
N SER C 41 -16.20 9.44 15.49
CA SER C 41 -15.33 8.74 16.45
C SER C 41 -14.80 7.43 15.85
N ARG C 42 -15.65 6.66 15.12
CA ARG C 42 -15.24 5.41 14.46
C ARG C 42 -14.17 5.65 13.40
N HIS C 43 -14.26 6.78 12.66
CA HIS C 43 -13.26 7.17 11.66
C HIS C 43 -11.89 7.41 12.34
N GLU C 44 -11.90 8.00 13.56
CA GLU C 44 -10.66 8.24 14.33
C GLU C 44 -10.09 6.91 14.84
N GLU C 45 -10.95 6.02 15.39
CA GLU C 45 -10.52 4.72 15.91
C GLU C 45 -9.85 3.86 14.85
N LEU C 46 -10.41 3.87 13.62
CA LEU C 46 -9.91 3.10 12.49
C LEU C 46 -8.78 3.79 11.71
N ARG C 47 -8.39 5.00 12.18
CA ARG C 47 -7.31 5.84 11.63
C ARG C 47 -7.60 6.27 10.17
N LEU C 48 -8.88 6.47 9.84
CA LEU C 48 -9.32 6.90 8.51
C LEU C 48 -9.34 8.40 8.40
N LEU C 49 -9.67 9.11 9.52
CA LEU C 49 -9.76 10.58 9.53
C LEU C 49 -8.52 11.26 8.99
N SER C 50 -7.33 10.93 9.55
CA SER C 50 -6.03 11.50 9.16
C SER C 50 -5.67 11.22 7.69
N ARG C 51 -6.30 10.19 7.07
CA ARG C 51 -6.07 9.82 5.66
C ARG C 51 -6.93 10.66 4.72
N CYS C 52 -7.93 11.38 5.25
CA CYS C 52 -8.83 12.21 4.45
C CYS C 52 -8.40 13.67 4.45
N HIS C 53 -8.86 14.41 3.43
CA HIS C 53 -8.68 15.85 3.35
C HIS C 53 -9.93 16.42 4.03
N ARG C 54 -9.74 17.18 5.11
CA ARG C 54 -10.86 17.74 5.87
C ARG C 54 -11.52 18.90 5.13
N ILE C 55 -12.79 18.71 4.75
CA ILE C 55 -13.59 19.71 4.06
C ILE C 55 -14.40 20.47 5.11
N PRO C 56 -14.38 21.82 5.13
CA PRO C 56 -15.16 22.54 6.14
C PRO C 56 -16.65 22.54 5.85
N ALA C 57 -17.44 22.56 6.93
CA ALA C 57 -18.88 22.70 6.83
C ALA C 57 -19.14 24.19 6.59
N ARG C 58 -20.28 24.51 6.00
CA ARG C 58 -20.72 25.89 5.80
C ARG C 58 -22.23 25.88 5.77
N LEU C 59 -22.84 27.06 5.93
CA LEU C 59 -24.28 27.19 5.84
C LEU C 59 -24.65 27.30 4.37
N ALA C 60 -25.78 26.69 4.02
CA ALA C 60 -26.38 26.82 2.70
C ALA C 60 -27.07 28.18 2.75
N THR C 61 -27.08 28.92 1.64
CA THR C 61 -27.76 30.21 1.63
C THR C 61 -29.21 29.94 1.24
N GLU C 62 -30.11 30.91 1.47
CA GLU C 62 -31.52 30.83 1.11
C GLU C 62 -31.72 30.71 -0.40
N GLU C 63 -30.85 31.37 -1.19
CA GLU C 63 -30.84 31.27 -2.66
C GLU C 63 -30.50 29.80 -3.04
N GLU C 64 -29.54 29.18 -2.34
CA GLU C 64 -29.20 27.77 -2.59
C GLU C 64 -30.35 26.82 -2.24
N LEU C 65 -31.11 27.11 -1.14
CA LEU C 65 -32.27 26.30 -0.77
C LEU C 65 -33.34 26.37 -1.86
N ALA C 66 -33.47 27.55 -2.52
CA ALA C 66 -34.43 27.84 -3.59
C ALA C 66 -34.18 27.02 -4.86
N LEU C 67 -33.04 26.29 -4.94
CA LEU C 67 -32.76 25.40 -6.08
C LEU C 67 -33.80 24.26 -6.12
N CYS C 68 -34.28 23.82 -4.94
CA CYS C 68 -35.25 22.74 -4.80
C CYS C 68 -36.51 23.11 -4.00
N HIS C 69 -36.42 24.07 -3.05
CA HIS C 69 -37.51 24.41 -2.12
C HIS C 69 -38.17 25.74 -2.34
N SER C 70 -39.49 25.83 -2.06
CA SER C 70 -40.30 27.07 -2.22
C SER C 70 -39.93 28.12 -1.17
N SER C 71 -40.18 29.41 -1.48
CA SER C 71 -39.91 30.52 -0.54
C SER C 71 -40.75 30.34 0.74
N LYS C 72 -41.98 29.81 0.62
CA LYS C 72 -42.87 29.56 1.75
C LYS C 72 -42.27 28.54 2.71
N HIS C 73 -41.76 27.40 2.19
CA HIS C 73 -41.14 26.33 2.99
C HIS C 73 -39.85 26.78 3.69
N ILE C 74 -39.04 27.64 3.02
CA ILE C 74 -37.78 28.18 3.57
C ILE C 74 -38.10 29.09 4.78
N SER C 75 -39.04 30.06 4.58
CA SER C 75 -39.48 31.02 5.59
CA SER C 75 -39.49 31.03 5.60
C SER C 75 -40.09 30.35 6.83
N ILE C 76 -40.80 29.22 6.65
CA ILE C 76 -41.44 28.50 7.76
C ILE C 76 -40.36 27.83 8.66
N ILE C 77 -39.37 27.13 8.06
CA ILE C 77 -38.30 26.46 8.84
C ILE C 77 -37.33 27.52 9.45
N LYS C 78 -37.11 28.65 8.75
CA LYS C 78 -36.24 29.76 9.20
C LYS C 78 -36.81 30.42 10.48
N SER C 79 -38.15 30.56 10.56
CA SER C 79 -38.86 31.17 11.70
C SER C 79 -38.87 30.30 12.97
N SER C 80 -38.61 28.97 12.83
CA SER C 80 -38.58 28.04 13.96
C SER C 80 -37.41 28.31 14.92
N GLU C 81 -36.34 29.00 14.42
CA GLU C 81 -35.14 29.39 15.17
C GLU C 81 -35.48 30.31 16.35
N HIS C 82 -36.58 31.11 16.22
CA HIS C 82 -37.01 32.09 17.21
C HIS C 82 -38.30 31.71 17.97
N MET C 83 -38.79 30.47 17.78
CA MET C 83 -40.03 29.97 18.41
C MET C 83 -39.83 29.42 19.81
N LYS C 84 -40.84 29.59 20.67
CA LYS C 84 -40.86 29.03 22.01
C LYS C 84 -41.21 27.53 21.90
N PRO C 85 -40.91 26.66 22.89
CA PRO C 85 -41.24 25.22 22.75
C PRO C 85 -42.66 24.90 22.27
N ARG C 86 -43.69 25.60 22.80
CA ARG C 86 -45.11 25.44 22.45
C ARG C 86 -45.36 25.60 20.95
N ASP C 87 -44.76 26.61 20.31
CA ASP C 87 -44.91 26.89 18.90
C ASP C 87 -44.11 25.92 18.02
N LEU C 88 -43.01 25.37 18.57
CA LEU C 88 -42.18 24.38 17.89
C LEU C 88 -42.89 23.02 17.81
N ASN C 89 -43.69 22.68 18.85
CA ASN C 89 -44.48 21.44 18.94
C ASN C 89 -45.57 21.41 17.86
N ARG C 90 -46.44 22.44 17.83
CA ARG C 90 -47.54 22.57 16.87
C ARG C 90 -47.06 22.64 15.41
N LEU C 91 -45.90 23.28 15.16
CA LEU C 91 -45.28 23.37 13.83
C LEU C 91 -44.78 21.99 13.39
N GLY C 92 -44.20 21.24 14.33
CA GLY C 92 -43.70 19.88 14.10
C GLY C 92 -44.80 18.90 13.73
N ASP C 93 -46.00 19.07 14.32
CA ASP C 93 -47.19 18.24 14.08
C ASP C 93 -47.82 18.48 12.68
N GLU C 94 -47.49 19.59 12.01
CA GLU C 94 -47.98 19.93 10.66
C GLU C 94 -47.41 18.98 9.60
N TYR C 95 -46.30 18.30 9.94
CA TYR C 95 -45.62 17.39 9.02
C TYR C 95 -45.71 15.93 9.44
N ASN C 96 -45.39 15.03 8.51
CA ASN C 96 -45.35 13.61 8.80
C ASN C 96 -43.96 13.30 9.38
N SER C 97 -43.93 12.89 10.67
CA SER C 97 -42.74 12.47 11.43
C SER C 97 -41.61 13.53 11.48
N ILE C 98 -41.89 14.67 12.13
CA ILE C 98 -40.94 15.77 12.27
C ILE C 98 -40.91 16.34 13.70
N PHE C 99 -39.69 16.53 14.26
CA PHE C 99 -39.47 17.19 15.53
C PHE C 99 -38.56 18.39 15.25
N ILE C 100 -38.83 19.52 15.91
CA ILE C 100 -38.07 20.75 15.68
C ILE C 100 -37.61 21.38 16.99
N SER C 101 -36.38 21.91 17.01
CA SER C 101 -35.79 22.69 18.10
C SER C 101 -35.32 24.01 17.45
N ASN C 102 -34.88 24.98 18.26
CA ASN C 102 -34.39 26.29 17.80
C ASN C 102 -33.14 26.20 16.93
N GLU C 103 -32.43 25.06 16.99
CA GLU C 103 -31.19 24.80 16.27
C GLU C 103 -31.40 23.99 14.97
N SER C 104 -32.60 23.44 14.73
CA SER C 104 -32.92 22.59 13.57
C SER C 104 -32.62 23.24 12.21
N TYR C 105 -33.10 24.47 12.00
CA TYR C 105 -32.89 25.22 10.75
C TYR C 105 -31.40 25.37 10.43
N THR C 106 -30.60 25.84 11.42
CA THR C 106 -29.15 26.02 11.26
C THR C 106 -28.47 24.68 10.94
N CYS C 107 -28.87 23.60 11.63
CA CYS C 107 -28.32 22.27 11.37
C CYS C 107 -28.63 21.77 9.95
N ALA C 108 -29.88 21.98 9.49
CA ALA C 108 -30.30 21.64 8.12
C ALA C 108 -29.46 22.44 7.10
N LEU C 109 -29.19 23.74 7.38
CA LEU C 109 -28.35 24.58 6.53
C LEU C 109 -26.91 24.06 6.46
N LEU C 110 -26.37 23.65 7.62
CA LEU C 110 -25.03 23.10 7.75
C LEU C 110 -24.89 21.78 7.03
N ALA C 111 -25.92 20.90 7.07
CA ALA C 111 -25.91 19.61 6.38
C ALA C 111 -25.84 19.83 4.86
N ALA C 112 -26.67 20.77 4.34
CA ALA C 112 -26.70 21.06 2.90
C ALA C 112 -25.39 21.71 2.42
N GLY C 113 -24.93 22.75 3.12
CA GLY C 113 -23.70 23.47 2.80
C GLY C 113 -22.43 22.63 2.83
N SER C 114 -22.35 21.66 3.80
CA SER C 114 -21.25 20.70 3.94
C SER C 114 -21.14 19.86 2.65
N CYS C 115 -22.30 19.41 2.13
CA CYS C 115 -22.36 18.65 0.89
C CYS C 115 -22.04 19.49 -0.35
N PHE C 116 -22.36 20.80 -0.33
CA PHE C 116 -22.05 21.71 -1.47
C PHE C 116 -20.53 21.89 -1.53
N ASN C 117 -19.90 22.06 -0.36
CA ASN C 117 -18.45 22.19 -0.26
C ASN C 117 -17.77 20.90 -0.69
N SER C 118 -18.42 19.75 -0.42
CA SER C 118 -17.91 18.44 -0.81
C SER C 118 -17.99 18.25 -2.33
N ALA C 119 -19.16 18.51 -2.96
CA ALA C 119 -19.34 18.44 -4.43
C ALA C 119 -18.36 19.39 -5.10
N GLN C 120 -18.19 20.61 -4.54
CA GLN C 120 -17.25 21.62 -5.04
C GLN C 120 -15.80 21.08 -5.03
N ALA C 121 -15.38 20.43 -3.92
CA ALA C 121 -14.03 19.87 -3.80
C ALA C 121 -13.78 18.77 -4.85
N ILE C 122 -14.82 17.97 -5.15
CA ILE C 122 -14.73 16.90 -6.16
C ILE C 122 -14.64 17.53 -7.57
N LEU C 123 -15.58 18.44 -7.90
CA LEU C 123 -15.67 19.04 -9.24
C LEU C 123 -14.54 20.02 -9.58
N THR C 124 -13.87 20.58 -8.57
CA THR C 124 -12.71 21.47 -8.81
C THR C 124 -11.40 20.63 -8.85
N GLY C 125 -11.51 19.33 -8.57
CA GLY C 125 -10.37 18.41 -8.58
C GLY C 125 -9.51 18.46 -7.33
N GLN C 126 -10.00 19.07 -6.23
CA GLN C 126 -9.28 19.11 -4.97
C GLN C 126 -9.23 17.69 -4.36
N VAL C 127 -10.33 16.93 -4.51
CA VAL C 127 -10.43 15.54 -4.06
C VAL C 127 -11.04 14.70 -5.18
N ARG C 128 -10.86 13.37 -5.16
CA ARG C 128 -11.48 12.48 -6.15
C ARG C 128 -12.91 12.15 -5.68
N ASN C 129 -13.05 11.88 -4.38
CA ASN C 129 -14.33 11.46 -3.82
C ASN C 129 -14.47 12.01 -2.39
N ALA C 130 -15.66 11.86 -1.75
CA ALA C 130 -15.84 12.41 -0.41
C ALA C 130 -16.96 11.75 0.37
N VAL C 131 -16.92 11.92 1.70
CA VAL C 131 -17.93 11.45 2.67
C VAL C 131 -18.44 12.64 3.48
N ALA C 132 -19.75 12.72 3.70
CA ALA C 132 -20.37 13.82 4.44
C ALA C 132 -21.15 13.24 5.63
N ILE C 133 -20.59 13.40 6.85
CA ILE C 133 -21.17 12.92 8.11
C ILE C 133 -22.10 14.03 8.62
N VAL C 134 -23.35 14.04 8.10
CA VAL C 134 -24.31 15.11 8.34
C VAL C 134 -25.63 14.67 8.93
N ARG C 135 -26.30 15.62 9.58
CA ARG C 135 -27.63 15.47 10.15
C ARG C 135 -28.24 16.88 10.35
N PRO C 136 -29.57 17.07 10.25
CA PRO C 136 -30.62 16.06 9.99
C PRO C 136 -30.59 15.49 8.56
N PRO C 137 -31.21 14.31 8.30
CA PRO C 137 -31.21 13.77 6.90
C PRO C 137 -32.05 14.63 5.95
N GLY C 138 -32.18 14.22 4.70
CA GLY C 138 -32.90 15.05 3.74
C GLY C 138 -33.74 14.43 2.63
N HIS C 139 -33.60 13.12 2.35
CA HIS C 139 -34.27 12.52 1.18
C HIS C 139 -35.83 12.52 1.23
N HIS C 140 -36.45 12.66 2.41
CA HIS C 140 -37.92 12.70 2.51
C HIS C 140 -38.46 14.13 2.29
N ALA C 141 -37.61 15.16 2.44
CA ALA C 141 -38.01 16.56 2.27
C ALA C 141 -38.42 16.89 0.84
N GLU C 142 -39.58 17.55 0.69
CA GLU C 142 -40.18 17.97 -0.58
C GLU C 142 -39.91 19.43 -0.83
N LYS C 143 -40.34 19.93 -2.02
CA LYS C 143 -40.18 21.33 -2.42
C LYS C 143 -40.84 22.25 -1.38
N ASP C 144 -42.08 21.93 -1.00
CA ASP C 144 -42.88 22.76 -0.09
C ASP C 144 -43.07 22.23 1.34
N THR C 145 -42.56 21.03 1.68
CA THR C 145 -42.80 20.49 3.02
C THR C 145 -41.66 19.65 3.60
N ALA C 146 -41.57 19.62 4.95
CA ALA C 146 -40.60 18.79 5.68
C ALA C 146 -41.28 17.44 5.88
N CYS C 147 -40.49 16.35 5.98
CA CYS C 147 -41.02 14.98 6.11
C CYS C 147 -39.96 14.03 6.67
N GLY C 148 -40.41 13.04 7.45
CA GLY C 148 -39.58 11.98 8.03
C GLY C 148 -38.20 12.35 8.50
N PHE C 149 -38.11 13.30 9.45
CA PHE C 149 -36.88 13.80 10.09
C PHE C 149 -36.04 14.70 9.14
N CYS C 150 -36.53 14.96 7.92
CA CYS C 150 -35.85 15.76 6.88
C CYS C 150 -36.48 17.15 6.73
N PHE C 151 -35.66 18.22 6.66
CA PHE C 151 -36.13 19.61 6.48
C PHE C 151 -35.92 20.10 5.05
N PHE C 152 -34.70 19.95 4.52
CA PHE C 152 -34.34 20.31 3.15
C PHE C 152 -33.68 19.12 2.50
N ASN C 153 -33.90 18.92 1.19
CA ASN C 153 -33.34 17.77 0.50
C ASN C 153 -31.91 17.99 0.11
N THR C 154 -31.02 17.67 1.06
CA THR C 154 -29.56 17.79 0.95
C THR C 154 -28.99 17.20 -0.34
N ALA C 155 -29.27 15.93 -0.66
CA ALA C 155 -28.77 15.30 -1.90
C ALA C 155 -29.34 15.97 -3.16
N ALA C 156 -30.65 16.33 -3.15
CA ALA C 156 -31.28 17.00 -4.30
C ALA C 156 -30.67 18.37 -4.54
N LEU C 157 -30.49 19.12 -3.45
CA LEU C 157 -29.85 20.45 -3.46
C LEU C 157 -28.41 20.36 -3.96
N THR C 158 -27.68 19.28 -3.58
CA THR C 158 -26.28 19.05 -4.00
C THR C 158 -26.19 18.81 -5.52
N ALA C 159 -27.15 18.03 -6.08
CA ALA C 159 -27.19 17.77 -7.53
C ALA C 159 -27.41 19.10 -8.29
N ARG C 160 -28.34 19.95 -7.80
CA ARG C 160 -28.59 21.27 -8.41
C ARG C 160 -27.42 22.22 -8.23
N TYR C 161 -26.78 22.19 -7.04
CA TYR C 161 -25.58 22.99 -6.77
C TYR C 161 -24.46 22.61 -7.75
N ALA C 162 -24.22 21.28 -7.92
CA ALA C 162 -23.19 20.76 -8.83
C ALA C 162 -23.44 21.27 -10.26
N GLN C 163 -24.71 21.23 -10.72
CA GLN C 163 -25.08 21.75 -12.05
C GLN C 163 -24.87 23.26 -12.14
N SER C 164 -25.11 24.00 -11.03
CA SER C 164 -24.93 25.46 -10.99
C SER C 164 -23.46 25.94 -11.16
N ILE C 165 -22.45 25.06 -10.94
CA ILE C 165 -21.03 25.42 -11.06
C ILE C 165 -20.34 24.74 -12.26
N THR C 166 -21.10 23.93 -13.02
CA THR C 166 -20.57 23.22 -14.19
C THR C 166 -21.47 23.58 -15.39
N ARG C 167 -22.56 22.83 -15.56
CA ARG C 167 -23.57 23.08 -16.58
C ARG C 167 -24.89 22.50 -16.13
N GLU C 168 -26.00 23.16 -16.54
CA GLU C 168 -27.37 22.74 -16.20
C GLU C 168 -27.63 21.26 -16.51
N SER C 169 -27.05 20.75 -17.61
CA SER C 169 -27.23 19.37 -18.07
C SER C 169 -26.23 18.36 -17.46
N LEU C 170 -25.40 18.76 -16.47
CA LEU C 170 -24.46 17.84 -15.80
C LEU C 170 -25.22 16.59 -15.36
N ARG C 171 -24.82 15.42 -15.86
CA ARG C 171 -25.48 14.15 -15.51
C ARG C 171 -25.12 13.74 -14.08
N VAL C 172 -26.12 13.75 -13.19
CA VAL C 172 -25.93 13.38 -11.79
C VAL C 172 -26.71 12.11 -11.51
N LEU C 173 -26.03 11.12 -10.93
CA LEU C 173 -26.72 9.91 -10.51
C LEU C 173 -26.85 9.96 -9.00
N ILE C 174 -28.09 9.75 -8.51
CA ILE C 174 -28.36 9.67 -7.08
C ILE C 174 -28.74 8.21 -6.81
N VAL C 175 -27.91 7.51 -6.03
CA VAL C 175 -28.20 6.15 -5.59
C VAL C 175 -28.63 6.30 -4.14
N ASP C 176 -29.88 5.93 -3.83
CA ASP C 176 -30.43 6.08 -2.51
C ASP C 176 -30.55 4.69 -1.88
N TRP C 177 -29.58 4.31 -1.03
CA TRP C 177 -29.59 2.97 -0.43
C TRP C 177 -30.09 2.96 1.02
N ASP C 178 -30.58 4.11 1.50
CA ASP C 178 -31.25 4.21 2.79
C ASP C 178 -32.45 3.22 2.62
N VAL C 179 -32.87 2.52 3.69
CA VAL C 179 -33.94 1.52 3.62
C VAL C 179 -35.32 2.14 3.25
N HIS C 180 -35.46 3.48 3.38
CA HIS C 180 -36.72 4.17 3.06
C HIS C 180 -36.65 4.79 1.67
N HIS C 181 -37.82 4.93 1.03
CA HIS C 181 -37.87 5.55 -0.29
C HIS C 181 -37.68 7.07 -0.15
N GLY C 182 -36.84 7.66 -1.00
CA GLY C 182 -36.62 9.09 -1.00
C GLY C 182 -37.66 9.80 -1.85
N ASN C 183 -38.90 9.94 -1.29
CA ASN C 183 -40.06 10.58 -1.93
C ASN C 183 -39.76 11.98 -2.44
N GLY C 184 -39.07 12.76 -1.61
CA GLY C 184 -38.68 14.13 -1.93
C GLY C 184 -37.77 14.19 -3.15
N THR C 185 -36.73 13.33 -3.15
CA THR C 185 -35.78 13.25 -4.28
C THR C 185 -36.48 12.79 -5.56
N GLN C 186 -37.42 11.84 -5.44
CA GLN C 186 -38.20 11.40 -6.61
C GLN C 186 -39.01 12.56 -7.16
N HIS C 187 -39.79 13.25 -6.29
CA HIS C 187 -40.68 14.35 -6.72
C HIS C 187 -39.96 15.55 -7.30
N ILE C 188 -38.76 15.85 -6.79
CA ILE C 188 -37.95 16.97 -7.29
C ILE C 188 -37.43 16.67 -8.71
N PHE C 189 -36.97 15.43 -8.96
CA PHE C 189 -36.39 15.07 -10.27
C PHE C 189 -37.28 14.23 -11.20
N GLU C 190 -38.58 14.08 -10.88
CA GLU C 190 -39.53 13.26 -11.63
C GLU C 190 -39.59 13.56 -13.13
N GLU C 191 -39.53 14.84 -13.51
CA GLU C 191 -39.60 15.26 -14.93
C GLU C 191 -38.22 15.63 -15.45
N ASP C 192 -37.16 15.12 -14.80
CA ASP C 192 -35.78 15.46 -15.10
C ASP C 192 -34.94 14.29 -15.65
N ASP C 193 -34.33 14.46 -16.86
CA ASP C 193 -33.45 13.45 -17.47
C ASP C 193 -31.95 13.67 -17.16
N SER C 194 -31.61 14.79 -16.48
CA SER C 194 -30.22 15.09 -16.13
C SER C 194 -29.86 14.49 -14.78
N VAL C 195 -30.88 14.12 -13.98
CA VAL C 195 -30.65 13.50 -12.67
C VAL C 195 -31.35 12.14 -12.65
N LEU C 196 -30.54 11.07 -12.65
CA LEU C 196 -31.03 9.70 -12.58
C LEU C 196 -31.16 9.34 -11.11
N TYR C 197 -32.38 9.02 -10.69
CA TYR C 197 -32.65 8.66 -9.31
C TYR C 197 -32.86 7.15 -9.22
N ILE C 198 -32.02 6.45 -8.42
CA ILE C 198 -32.15 5.00 -8.22
C ILE C 198 -32.28 4.75 -6.73
N SER C 199 -33.44 4.24 -6.31
CA SER C 199 -33.69 3.96 -4.91
C SER C 199 -33.99 2.48 -4.68
N LEU C 200 -33.36 1.91 -3.65
CA LEU C 200 -33.60 0.55 -3.15
C LEU C 200 -34.23 0.82 -1.81
N HIS C 201 -35.38 0.19 -1.53
CA HIS C 201 -36.09 0.48 -0.30
C HIS C 201 -37.05 -0.58 0.08
N ARG C 202 -37.23 -0.74 1.40
CA ARG C 202 -38.26 -1.63 1.92
C ARG C 202 -39.61 -0.97 1.57
N TYR C 203 -40.55 -1.75 1.03
CA TYR C 203 -41.83 -1.21 0.59
C TYR C 203 -43.01 -1.84 1.29
N GLU C 204 -43.08 -3.19 1.31
CA GLU C 204 -44.14 -3.96 1.95
C GLU C 204 -45.52 -3.54 1.44
N ASP C 205 -45.66 -3.33 0.12
CA ASP C 205 -46.92 -2.91 -0.53
C ASP C 205 -47.52 -1.64 0.08
N GLY C 206 -46.68 -0.76 0.60
CA GLY C 206 -47.08 0.49 1.22
C GLY C 206 -47.20 0.48 2.72
N ALA C 207 -46.89 -0.66 3.40
CA ALA C 207 -46.94 -0.72 4.87
C ALA C 207 -45.72 -0.05 5.50
N PHE C 208 -44.63 0.06 4.75
CA PHE C 208 -43.39 0.64 5.25
C PHE C 208 -43.30 2.14 4.93
N PHE C 209 -42.82 2.95 5.89
CA PHE C 209 -42.65 4.39 5.73
C PHE C 209 -41.83 4.71 4.44
N PRO C 210 -42.24 5.70 3.59
CA PRO C 210 -43.32 6.68 3.78
C PRO C 210 -44.74 6.30 3.36
N ASN C 211 -45.06 4.99 3.24
CA ASN C 211 -46.42 4.46 3.03
C ASN C 211 -47.17 4.98 1.78
N SER C 212 -46.43 5.24 0.70
CA SER C 212 -47.00 5.75 -0.56
C SER C 212 -46.62 4.86 -1.74
N GLU C 213 -47.61 4.59 -2.63
CA GLU C 213 -47.42 3.79 -3.85
C GLU C 213 -46.43 4.44 -4.83
N ASP C 214 -46.02 5.70 -4.57
CA ASP C 214 -45.01 6.44 -5.34
C ASP C 214 -43.69 5.69 -5.37
N ALA C 215 -43.46 4.86 -4.34
CA ALA C 215 -42.27 4.04 -4.13
C ALA C 215 -42.26 2.76 -4.97
N ASN C 216 -43.39 2.40 -5.59
CA ASN C 216 -43.47 1.18 -6.41
C ASN C 216 -42.57 1.24 -7.66
N TYR C 217 -42.21 0.05 -8.21
CA TYR C 217 -41.37 -0.16 -9.40
C TYR C 217 -41.93 0.47 -10.69
N ASP C 218 -43.27 0.66 -10.76
CA ASP C 218 -43.93 1.19 -11.96
C ASP C 218 -43.87 2.72 -12.10
N LYS C 219 -43.34 3.43 -11.09
CA LYS C 219 -43.16 4.88 -11.15
C LYS C 219 -41.78 5.11 -11.75
N VAL C 220 -41.74 5.32 -13.08
CA VAL C 220 -40.52 5.41 -13.88
C VAL C 220 -40.09 6.86 -14.25
N GLY C 221 -40.86 7.85 -13.81
CA GLY C 221 -40.64 9.25 -14.14
C GLY C 221 -41.70 9.79 -15.06
N LEU C 222 -41.71 11.12 -15.28
CA LEU C 222 -42.72 11.79 -16.12
C LEU C 222 -42.09 12.59 -17.24
N GLY C 223 -42.78 12.64 -18.39
CA GLY C 223 -42.36 13.40 -19.55
C GLY C 223 -40.96 13.05 -20.00
N LYS C 224 -40.08 14.07 -20.08
CA LYS C 224 -38.68 13.86 -20.48
C LYS C 224 -37.89 13.03 -19.46
N GLY C 225 -38.42 12.95 -18.24
CA GLY C 225 -37.84 12.17 -17.14
C GLY C 225 -38.25 10.71 -17.15
N ARG C 226 -38.98 10.25 -18.19
CA ARG C 226 -39.39 8.85 -18.31
C ARG C 226 -38.17 7.95 -18.46
N GLY C 227 -38.01 7.04 -17.51
CA GLY C 227 -36.90 6.09 -17.43
C GLY C 227 -35.78 6.51 -16.48
N TYR C 228 -35.84 7.73 -15.95
CA TYR C 228 -34.81 8.31 -15.08
C TYR C 228 -35.16 8.23 -13.58
N ASN C 229 -36.18 7.43 -13.24
CA ASN C 229 -36.59 7.17 -11.85
C ASN C 229 -36.72 5.66 -11.71
N VAL C 230 -35.79 5.05 -10.98
CA VAL C 230 -35.71 3.60 -10.81
C VAL C 230 -35.96 3.23 -9.34
N ASN C 231 -37.13 2.65 -9.05
CA ASN C 231 -37.48 2.20 -7.71
C ASN C 231 -37.34 0.68 -7.66
N ILE C 232 -36.56 0.18 -6.70
CA ILE C 232 -36.32 -1.24 -6.46
C ILE C 232 -36.95 -1.50 -5.08
N PRO C 233 -38.27 -1.87 -5.06
CA PRO C 233 -38.98 -2.04 -3.78
C PRO C 233 -38.92 -3.48 -3.23
N TRP C 234 -38.59 -3.64 -1.93
CA TRP C 234 -38.54 -4.96 -1.32
C TRP C 234 -39.83 -5.27 -0.57
N ASN C 235 -40.30 -6.51 -0.70
CA ASN C 235 -41.53 -6.98 -0.05
C ASN C 235 -41.29 -8.36 0.54
N GLY C 236 -41.98 -8.65 1.65
CA GLY C 236 -42.00 -9.94 2.35
C GLY C 236 -40.68 -10.68 2.47
N GLY C 237 -39.78 -10.15 3.28
CA GLY C 237 -38.47 -10.74 3.49
C GLY C 237 -37.44 -9.76 4.06
N LYS C 238 -36.58 -10.29 4.93
CA LYS C 238 -35.50 -9.58 5.60
C LYS C 238 -34.33 -9.66 4.63
N MET C 239 -34.16 -8.61 3.82
CA MET C 239 -33.13 -8.55 2.79
C MET C 239 -31.77 -8.22 3.38
N GLY C 240 -30.71 -8.68 2.73
CA GLY C 240 -29.34 -8.41 3.14
C GLY C 240 -28.41 -8.26 1.96
N ASP C 241 -27.13 -8.66 2.14
CA ASP C 241 -26.11 -8.61 1.11
C ASP C 241 -26.46 -9.35 -0.18
N PRO C 242 -26.96 -10.62 -0.19
CA PRO C 242 -27.24 -11.28 -1.48
C PRO C 242 -28.21 -10.49 -2.37
N GLU C 243 -29.28 -9.96 -1.77
CA GLU C 243 -30.34 -9.20 -2.47
C GLU C 243 -29.84 -7.86 -2.98
N TYR C 244 -29.06 -7.14 -2.15
CA TYR C 244 -28.49 -5.85 -2.55
C TYR C 244 -27.41 -6.01 -3.61
N MET C 245 -26.59 -7.06 -3.50
CA MET C 245 -25.57 -7.35 -4.50
C MET C 245 -26.24 -7.69 -5.84
N ALA C 246 -27.34 -8.48 -5.81
CA ALA C 246 -28.09 -8.86 -7.00
C ALA C 246 -28.77 -7.66 -7.68
N ALA C 247 -29.36 -6.75 -6.87
CA ALA C 247 -30.00 -5.53 -7.37
C ALA C 247 -28.96 -4.66 -8.09
N PHE C 248 -27.74 -4.54 -7.53
CA PHE C 248 -26.64 -3.82 -8.15
C PHE C 248 -26.16 -4.51 -9.43
N HIS C 249 -26.11 -5.86 -9.45
CA HIS C 249 -25.66 -6.63 -10.61
C HIS C 249 -26.62 -6.53 -11.81
N HIS C 250 -27.91 -6.72 -11.56
CA HIS C 250 -28.93 -6.74 -12.60
C HIS C 250 -29.51 -5.37 -12.94
N LEU C 251 -29.52 -4.43 -11.99
CA LEU C 251 -30.19 -3.15 -12.24
C LEU C 251 -29.34 -1.90 -12.06
N VAL C 252 -28.84 -1.64 -10.84
CA VAL C 252 -28.12 -0.39 -10.52
C VAL C 252 -26.93 -0.15 -11.44
N MET C 253 -26.02 -1.12 -11.56
CA MET C 253 -24.81 -0.94 -12.37
C MET C 253 -25.09 -0.93 -13.90
N PRO C 254 -25.92 -1.81 -14.52
CA PRO C 254 -26.16 -1.67 -15.98
C PRO C 254 -26.81 -0.34 -16.37
N ILE C 255 -27.79 0.13 -15.58
CA ILE C 255 -28.48 1.41 -15.84
C ILE C 255 -27.50 2.58 -15.67
N ALA C 256 -26.76 2.58 -14.54
CA ALA C 256 -25.77 3.61 -14.20
C ALA C 256 -24.70 3.76 -15.28
N ARG C 257 -24.18 2.64 -15.82
CA ARG C 257 -23.17 2.62 -16.88
C ARG C 257 -23.72 3.19 -18.18
N GLU C 258 -25.00 2.90 -18.50
CA GLU C 258 -25.64 3.43 -19.72
C GLU C 258 -25.85 4.95 -19.59
N PHE C 259 -26.27 5.42 -18.40
CA PHE C 259 -26.48 6.84 -18.10
C PHE C 259 -25.17 7.64 -18.21
N ALA C 260 -24.03 7.00 -17.81
CA ALA C 260 -22.69 7.60 -17.82
C ALA C 260 -22.69 8.90 -16.96
N PRO C 261 -22.98 8.81 -15.63
CA PRO C 261 -22.99 10.03 -14.83
C PRO C 261 -21.63 10.71 -14.76
N GLU C 262 -21.65 12.01 -14.48
CA GLU C 262 -20.47 12.84 -14.35
C GLU C 262 -20.21 13.09 -12.87
N LEU C 263 -21.19 12.72 -12.02
CA LEU C 263 -21.10 12.85 -10.58
C LEU C 263 -22.06 11.85 -9.96
N VAL C 264 -21.60 11.14 -8.92
CA VAL C 264 -22.46 10.18 -8.21
C VAL C 264 -22.63 10.68 -6.79
N LEU C 265 -23.89 10.83 -6.37
CA LEU C 265 -24.25 11.18 -5.01
C LEU C 265 -24.91 9.96 -4.42
N VAL C 266 -24.50 9.58 -3.21
CA VAL C 266 -25.13 8.46 -2.53
C VAL C 266 -25.95 9.01 -1.38
N SER C 267 -27.28 8.77 -1.41
CA SER C 267 -28.15 9.05 -0.27
C SER C 267 -27.95 7.79 0.57
N ALA C 268 -26.91 7.84 1.40
CA ALA C 268 -26.41 6.72 2.19
C ALA C 268 -26.97 6.65 3.59
N GLY C 269 -28.18 6.13 3.67
CA GLY C 269 -28.75 5.80 4.96
C GLY C 269 -28.18 4.44 5.29
N PHE C 270 -27.92 4.17 6.57
CA PHE C 270 -27.39 2.88 7.00
C PHE C 270 -28.43 2.14 7.84
N ASP C 271 -29.70 2.33 7.50
CA ASP C 271 -30.83 1.72 8.20
C ASP C 271 -31.26 0.40 7.57
N ALA C 272 -30.60 -0.03 6.47
CA ALA C 272 -30.85 -1.37 5.92
C ALA C 272 -29.81 -2.32 6.57
N ALA C 273 -29.00 -1.78 7.50
CA ALA C 273 -27.95 -2.53 8.16
C ALA C 273 -28.46 -3.50 9.20
N ARG C 274 -27.70 -4.59 9.38
CA ARG C 274 -27.88 -5.60 10.42
C ARG C 274 -27.85 -4.83 11.78
N GLY C 275 -28.88 -5.05 12.60
CA GLY C 275 -29.03 -4.39 13.91
C GLY C 275 -29.90 -3.15 13.92
N ASP C 276 -30.27 -2.60 12.75
CA ASP C 276 -31.11 -1.39 12.72
C ASP C 276 -32.49 -1.66 13.26
N PRO C 277 -32.96 -0.89 14.28
CA PRO C 277 -34.28 -1.17 14.86
C PRO C 277 -35.47 -0.75 13.98
N LEU C 278 -35.26 0.19 13.04
CA LEU C 278 -36.33 0.66 12.15
C LEU C 278 -36.38 -0.10 10.83
N GLY C 279 -35.22 -0.46 10.28
CA GLY C 279 -35.10 -1.13 8.99
C GLY C 279 -35.52 -2.58 8.93
N GLY C 280 -35.09 -3.38 9.92
CA GLY C 280 -35.37 -4.81 9.96
C GLY C 280 -34.62 -5.65 8.94
N PHE C 281 -33.62 -5.04 8.27
CA PHE C 281 -32.79 -5.68 7.24
C PHE C 281 -31.44 -6.12 7.78
N GLN C 282 -30.63 -6.79 6.94
CA GLN C 282 -29.36 -7.37 7.37
C GLN C 282 -28.15 -7.10 6.45
N VAL C 283 -28.08 -5.91 5.80
CA VAL C 283 -26.90 -5.53 5.01
C VAL C 283 -25.73 -5.37 5.99
N THR C 284 -24.57 -5.99 5.66
CA THR C 284 -23.41 -5.97 6.55
C THR C 284 -22.48 -4.79 6.22
N PRO C 285 -21.54 -4.39 7.12
CA PRO C 285 -20.60 -3.31 6.76
C PRO C 285 -19.80 -3.68 5.51
N GLU C 286 -19.51 -4.99 5.31
CA GLU C 286 -18.82 -5.50 4.12
C GLU C 286 -19.69 -5.35 2.86
N GLY C 287 -21.01 -5.53 3.03
CA GLY C 287 -21.99 -5.31 1.96
C GLY C 287 -21.96 -3.88 1.47
N TYR C 288 -21.99 -2.90 2.40
CA TYR C 288 -21.89 -1.48 2.03
C TYR C 288 -20.54 -1.14 1.38
N ALA C 289 -19.47 -1.81 1.83
CA ALA C 289 -18.14 -1.63 1.24
C ALA C 289 -18.16 -2.08 -0.24
N HIS C 290 -18.81 -3.22 -0.54
CA HIS C 290 -18.95 -3.72 -1.91
C HIS C 290 -19.82 -2.81 -2.78
N LEU C 291 -20.92 -2.27 -2.23
CA LEU C 291 -21.80 -1.33 -2.93
C LEU C 291 -21.05 -0.03 -3.28
N THR C 292 -20.20 0.46 -2.35
CA THR C 292 -19.38 1.67 -2.53
C THR C 292 -18.33 1.42 -3.61
N HIS C 293 -17.62 0.28 -3.53
CA HIS C 293 -16.58 -0.10 -4.47
C HIS C 293 -17.14 -0.15 -5.91
N GLN C 294 -18.38 -0.70 -6.07
CA GLN C 294 -19.06 -0.77 -7.35
C GLN C 294 -19.34 0.64 -7.90
N LEU C 295 -19.87 1.55 -7.04
CA LEU C 295 -20.15 2.93 -7.48
C LEU C 295 -18.90 3.71 -7.85
N MET C 296 -17.74 3.35 -7.28
CA MET C 296 -16.46 4.00 -7.60
C MET C 296 -16.01 3.77 -9.06
N SER C 297 -16.55 2.75 -9.76
CA SER C 297 -16.26 2.47 -11.17
C SER C 297 -16.99 3.47 -12.11
N LEU C 298 -17.89 4.30 -11.55
CA LEU C 298 -18.67 5.28 -12.32
C LEU C 298 -18.06 6.68 -12.18
N ALA C 299 -18.42 7.59 -13.12
CA ALA C 299 -18.09 9.02 -13.13
C ALA C 299 -16.61 9.33 -12.84
N ALA C 300 -15.68 8.48 -13.33
CA ALA C 300 -14.23 8.58 -13.08
C ALA C 300 -13.91 8.64 -11.56
N GLY C 301 -14.73 7.93 -10.77
CA GLY C 301 -14.61 7.87 -9.31
C GLY C 301 -15.16 9.05 -8.55
N ARG C 302 -15.88 9.96 -9.22
CA ARG C 302 -16.45 11.15 -8.56
C ARG C 302 -17.71 10.77 -7.78
N VAL C 303 -17.50 10.30 -6.53
CA VAL C 303 -18.57 9.83 -5.65
C VAL C 303 -18.60 10.64 -4.35
N LEU C 304 -19.80 11.08 -3.95
CA LEU C 304 -20.02 11.77 -2.67
C LEU C 304 -21.04 10.97 -1.88
N ILE C 305 -20.62 10.46 -0.70
CA ILE C 305 -21.47 9.67 0.18
C ILE C 305 -22.07 10.58 1.24
N ILE C 306 -23.41 10.71 1.22
CA ILE C 306 -24.14 11.60 2.14
C ILE C 306 -24.95 10.77 3.12
N LEU C 307 -24.70 10.96 4.42
CA LEU C 307 -25.47 10.24 5.44
C LEU C 307 -26.96 10.63 5.42
N GLU C 308 -27.85 9.63 5.41
CA GLU C 308 -29.30 9.81 5.47
C GLU C 308 -29.75 9.21 6.82
N GLY C 309 -30.52 8.12 6.80
CA GLY C 309 -30.98 7.40 8.00
C GLY C 309 -29.93 6.43 8.52
N GLY C 310 -30.33 5.56 9.43
CA GLY C 310 -29.43 4.62 10.09
C GLY C 310 -29.46 4.94 11.57
N TYR C 311 -29.92 4.01 12.41
CA TYR C 311 -30.19 4.29 13.81
C TYR C 311 -29.51 3.38 14.86
N ASN C 312 -28.86 2.29 14.43
CA ASN C 312 -28.10 1.50 15.39
C ASN C 312 -26.71 2.16 15.34
N LEU C 313 -26.31 2.84 16.44
CA LEU C 313 -25.07 3.61 16.50
C LEU C 313 -23.81 2.83 16.14
N THR C 314 -23.70 1.56 16.58
CA THR C 314 -22.53 0.75 16.24
C THR C 314 -22.57 0.37 14.75
N SER C 315 -23.77 -0.04 14.27
CA SER C 315 -23.96 -0.45 12.86
CA SER C 315 -23.98 -0.45 12.88
C SER C 315 -23.66 0.67 11.88
N ILE C 316 -24.16 1.88 12.13
CA ILE C 316 -23.92 3.01 11.21
C ILE C 316 -22.46 3.46 11.21
N SER C 317 -21.81 3.41 12.40
CA SER C 317 -20.42 3.81 12.57
C SER C 317 -19.50 2.88 11.78
N GLU C 318 -19.73 1.57 11.89
CA GLU C 318 -18.96 0.56 11.17
C GLU C 318 -19.22 0.62 9.65
N SER C 319 -20.51 0.71 9.27
CA SER C 319 -20.93 0.74 7.87
C SER C 319 -20.40 1.94 7.12
N MET C 320 -20.60 3.16 7.66
CA MET C 320 -20.09 4.35 7.00
C MET C 320 -18.57 4.38 6.91
N SER C 321 -17.87 3.96 8.01
CA SER C 321 -16.40 3.91 8.04
CA SER C 321 -16.40 3.92 8.04
C SER C 321 -15.86 2.98 6.95
N MET C 322 -16.58 1.85 6.68
CA MET C 322 -16.21 0.89 5.62
C MET C 322 -16.34 1.54 4.25
N CYS C 323 -17.35 2.43 4.07
CA CYS C 323 -17.55 3.16 2.80
C CYS C 323 -16.35 4.09 2.56
N THR C 324 -15.90 4.82 3.63
CA THR C 324 -14.76 5.74 3.57
C THR C 324 -13.47 4.97 3.23
N SER C 325 -13.28 3.81 3.88
CA SER C 325 -12.16 2.90 3.64
C SER C 325 -12.16 2.50 2.15
N MET C 326 -13.36 2.28 1.54
CA MET C 326 -13.41 1.96 0.10
C MET C 326 -13.03 3.14 -0.78
N LEU C 327 -13.51 4.36 -0.44
CA LEU C 327 -13.17 5.59 -1.16
C LEU C 327 -11.68 5.88 -1.11
N LEU C 328 -11.01 5.52 0.01
CA LEU C 328 -9.58 5.70 0.20
C LEU C 328 -8.75 4.70 -0.62
N GLY C 329 -9.41 3.73 -1.26
CA GLY C 329 -8.75 2.75 -2.11
C GLY C 329 -8.38 1.42 -1.48
N ASP C 330 -8.85 1.17 -0.24
CA ASP C 330 -8.58 -0.10 0.45
C ASP C 330 -9.29 -1.27 -0.27
N SER C 331 -8.67 -2.45 -0.21
CA SER C 331 -9.18 -3.65 -0.87
C SER C 331 -10.58 -4.03 -0.37
N PRO C 332 -11.55 -4.30 -1.28
CA PRO C 332 -12.89 -4.71 -0.82
C PRO C 332 -12.83 -5.98 0.04
N PRO C 333 -13.51 -6.01 1.20
CA PRO C 333 -13.40 -7.19 2.08
C PRO C 333 -14.15 -8.40 1.56
N SER C 334 -13.74 -9.59 2.03
CA SER C 334 -14.35 -10.87 1.67
C SER C 334 -15.70 -11.00 2.36
N LEU C 335 -16.76 -11.36 1.61
CA LEU C 335 -18.13 -11.51 2.11
C LEU C 335 -18.38 -12.93 2.62
N LEU C 341 -30.99 -15.92 -3.32
CA LEU C 341 -31.83 -14.81 -2.86
C LEU C 341 -33.16 -15.28 -2.34
N LYS C 342 -33.79 -14.43 -1.51
CA LYS C 342 -35.16 -14.63 -1.02
C LYS C 342 -36.02 -14.54 -2.30
N THR C 343 -36.99 -15.46 -2.45
CA THR C 343 -37.86 -15.57 -3.62
C THR C 343 -38.51 -14.24 -4.00
N SER C 344 -39.00 -13.47 -3.01
CA SER C 344 -39.64 -12.17 -3.24
C SER C 344 -38.68 -11.11 -3.79
N ALA C 345 -37.36 -11.23 -3.50
CA ALA C 345 -36.33 -10.33 -4.01
C ALA C 345 -36.14 -10.55 -5.51
N THR C 346 -36.22 -11.82 -5.98
CA THR C 346 -36.16 -12.15 -7.41
C THR C 346 -37.42 -11.57 -8.09
N VAL C 347 -38.59 -11.65 -7.42
CA VAL C 347 -39.88 -11.12 -7.92
C VAL C 347 -39.73 -9.60 -8.17
N SER C 348 -39.22 -8.86 -7.15
CA SER C 348 -38.98 -7.42 -7.15
C SER C 348 -38.04 -7.00 -8.28
N ILE C 349 -36.85 -7.65 -8.39
CA ILE C 349 -35.83 -7.37 -9.42
C ILE C 349 -36.43 -7.57 -10.81
N ASN C 350 -37.20 -8.67 -11.03
CA ASN C 350 -37.87 -8.96 -12.30
C ASN C 350 -38.94 -7.91 -12.64
N ASN C 351 -39.66 -7.38 -11.62
CA ASN C 351 -40.67 -6.34 -11.81
C ASN C 351 -40.02 -5.02 -12.26
N VAL C 352 -38.82 -4.69 -11.73
CA VAL C 352 -38.06 -3.49 -12.10
C VAL C 352 -37.49 -3.68 -13.50
N LEU C 353 -36.92 -4.88 -13.80
CA LEU C 353 -36.34 -5.22 -15.12
C LEU C 353 -37.36 -5.07 -16.23
N ARG C 354 -38.61 -5.49 -15.98
CA ARG C 354 -39.70 -5.37 -16.96
C ARG C 354 -40.13 -3.90 -17.12
N ALA C 355 -40.15 -3.13 -16.02
CA ALA C 355 -40.53 -1.72 -16.01
C ALA C 355 -39.52 -0.82 -16.73
N HIS C 356 -38.20 -1.10 -16.62
CA HIS C 356 -37.15 -0.26 -17.19
C HIS C 356 -36.46 -0.83 -18.45
N ALA C 357 -36.82 -2.05 -18.91
CA ALA C 357 -36.33 -2.62 -20.17
C ALA C 357 -36.66 -1.71 -21.37
N PRO C 358 -37.86 -1.07 -21.49
CA PRO C 358 -38.08 -0.20 -22.67
C PRO C 358 -37.32 1.13 -22.66
N PHE C 359 -36.60 1.46 -21.57
CA PHE C 359 -35.83 2.71 -21.46
C PHE C 359 -34.30 2.52 -21.53
N TRP C 360 -33.80 1.36 -21.08
CA TRP C 360 -32.37 1.06 -21.00
C TRP C 360 -31.98 -0.17 -21.83
N SER C 361 -31.17 0.03 -22.92
CA SER C 361 -30.72 -1.03 -23.84
C SER C 361 -29.87 -2.12 -23.15
N SER C 362 -29.16 -1.78 -22.06
CA SER C 362 -28.33 -2.69 -21.26
C SER C 362 -29.15 -3.77 -20.54
N LEU C 363 -30.49 -3.58 -20.40
CA LEU C 363 -31.37 -4.55 -19.72
C LEU C 363 -32.08 -5.45 -20.73
N ARG C 364 -31.99 -5.10 -22.03
CA ARG C 364 -32.60 -5.86 -23.12
C ARG C 364 -31.62 -6.90 -23.68
K K D . 21.21 19.12 12.31
K K E . 7.58 15.32 13.07
ZN ZN F . 27.10 16.21 9.38
C2 UTO G . 27.67 14.77 6.94
C3 UTO G . 28.01 15.05 5.52
C9 UTO G . 32.66 15.59 1.29
C10 UTO G . 33.93 14.85 1.02
C12 UTO G . 34.98 13.03 0.05
C13 UTO G . 36.21 13.47 0.51
C14 UTO G . 36.31 14.66 1.24
C15 UTO G . 35.14 15.36 1.52
N18 UTO G . 29.29 16.29 3.94
C19 UTO G . 29.00 16.00 5.20
C22 UTO G . 27.83 14.61 3.14
O1 UTO G . 28.65 14.73 7.86
C4 UTO G . 27.44 14.32 4.46
C5 UTO G . 28.77 15.62 2.91
C6 UTO G . 29.17 15.95 1.48
N7 UTO G . 30.63 16.07 1.45
N8 UTO G . 31.43 15.13 1.11
N11 UTO G . 33.87 13.71 0.34
N16 UTO G . 32.55 16.85 1.72
N17 UTO G . 31.29 17.10 1.83
N20 UTO G . 26.47 14.57 7.37
N21 UTO G . 26.17 14.33 8.72
I IOD H . 31.63 10.05 -0.92
I IOD I . 36.74 0.11 -9.10
I IOD J . 32.71 -4.76 -21.40
I IOD K . 38.06 3.85 32.32
K K L . 7.47 -25.72 -9.90
K K M . 20.82 -26.13 -14.80
ZN ZN N . 1.18 -28.11 -12.34
C2 UTO O . 0.14 -30.47 -13.84
C2 UTO O . 0.25 -30.50 -13.62
C3 UTO O . -0.21 -31.88 -13.58
C3 UTO O . -0.22 -31.87 -13.35
C9 UTO O . -4.90 -35.95 -13.19
C9 UTO O . -5.14 -35.86 -11.74
C10 UTO O . -6.17 -36.24 -13.87
C10 UTO O . -6.53 -36.19 -12.11
C12 UTO O . -8.46 -35.82 -14.01
C12 UTO O . -8.47 -35.63 -13.26
C13 UTO O . -8.59 -36.76 -15.02
C13 UTO O . -9.09 -36.82 -12.86
C14 UTO O . -7.47 -37.47 -15.46
C14 UTO O . -8.39 -37.72 -12.05
C15 UTO O . -6.23 -37.21 -14.88
C15 UTO O . -7.08 -37.40 -11.67
N18 UTO O . -1.30 -33.50 -12.23
N18 UTO O . -1.55 -33.30 -12.03
C19 UTO O . -0.98 -32.23 -12.46
C19 UTO O . -1.14 -32.09 -12.32
C22 UTO O . -0.22 -34.22 -14.21
C22 UTO O . -0.28 -34.22 -13.81
O1 UTO O . -0.64 -29.48 -13.33
O1 UTO O . -0.61 -29.47 -13.64
C4 UTO O . 0.16 -32.91 -14.48
C4 UTO O . 0.20 -32.96 -14.13
C5 UTO O . -0.95 -34.48 -13.05
C5 UTO O . -1.16 -34.36 -12.73
C6 UTO O . -1.41 -35.89 -12.74
C6 UTO O . -1.67 -35.72 -12.35
N7 UTO O . -2.87 -35.84 -12.67
N7 UTO O . -3.04 -35.66 -11.83
N8 UTO O . -3.67 -36.21 -13.61
N8 UTO O . -4.08 -36.04 -12.50
N11 UTO O . -7.27 -35.58 -13.47
N11 UTO O . -7.23 -35.35 -12.90
N16 UTO O . -4.78 -35.42 -11.97
N16 UTO O . -4.70 -35.38 -10.56
N17 UTO O . -3.53 -35.35 -11.69
N17 UTO O . -3.42 -35.26 -10.66
N20 UTO O . 1.19 -30.16 -14.55
N20 UTO O . 1.52 -30.25 -13.80
N21 UTO O . 1.57 -28.82 -14.77
N21 UTO O . 2.01 -28.97 -14.04
I IOD P . -8.72 -4.08 -23.41
K K Q . -33.80 4.26 -0.57
K K R . -35.15 11.74 -12.68
ZN ZN S . -34.81 7.34 6.56
I IOD T . -30.44 -0.09 18.37
#